data_6YVS
#
_entry.id   6YVS
#
_cell.length_a   114.174
_cell.length_b   76.082
_cell.length_c   172.851
_cell.angle_alpha   90.000
_cell.angle_beta   102.530
_cell.angle_gamma   90.000
#
_symmetry.space_group_name_H-M   'C 1 2 1'
#
loop_
_entity.id
_entity.type
_entity.pdbx_description
1 polymer 'Focal adhesion kinase 1'
2 non-polymer 5-[[4-(pyridin-3-ylmethylamino)-5-(trifluoromethyl)pyrimidin-2-yl]amino]-1,3-dihydroindol-2-one
3 non-polymer 'SULFATE ION'
4 water water
#
_entity_poly.entity_id   1
_entity_poly.type   'polypeptide(L)'
_entity_poly.pdbx_seq_one_letter_code
;GSGSTRDYEIQRERIELGRCIGEGQFGDVHQGIYMSPENPALAVAIKTCKNCTSDSVREKFLQEALTMRQFDHPHIVKLI
GVITENPVWIIMELCTLGELRSFLQVRKYSLDLASLILYAYQLSTALAYLESKRFVHRDIAARNVLVSSNDCVKLGDFGL
SRYMEDSTYYKASKGKLPIKWMAPESINFRRFTSASDVWMFGVCMWEILMHGVKPFQGVKNNDVIGRIENGERLPMPPNC
PPTLYSLMTKCWAYDPSRRPRFTELKAQLSTILEEEKAQQEE
;
_entity_poly.pdbx_strand_id   A,B,C,D
#
loop_
_chem_comp.id
_chem_comp.type
_chem_comp.name
_chem_comp.formula
PVT non-polymer 5-[[4-(pyridin-3-ylmethylamino)-5-(trifluoromethyl)pyrimidin-2-yl]amino]-1,3-dihydroindol-2-one 'C19 H15 F3 N6 O'
SO4 non-polymer 'SULFATE ION' 'O4 S -2'
#
# COMPACT_ATOMS: atom_id res chain seq x y z
N ASP A 7 0.24 3.98 -10.70
CA ASP A 7 -0.55 3.11 -11.58
C ASP A 7 0.27 1.93 -12.10
N TYR A 8 1.57 2.16 -12.35
CA TYR A 8 2.52 1.14 -12.78
C TYR A 8 2.76 0.14 -11.64
N GLU A 9 2.83 0.66 -10.41
CA GLU A 9 3.02 -0.16 -9.23
C GLU A 9 1.64 -0.66 -8.78
N ILE A 10 1.54 -1.96 -8.52
CA ILE A 10 0.29 -2.58 -8.10
C ILE A 10 0.43 -3.11 -6.70
N GLN A 11 -0.67 -3.09 -5.94
CA GLN A 11 -0.72 -3.58 -4.58
C GLN A 11 -0.83 -5.10 -4.62
N ARG A 12 0.07 -5.83 -3.90
CA ARG A 12 0.04 -7.29 -3.89
C ARG A 12 -1.27 -7.85 -3.35
N GLU A 13 -1.96 -7.11 -2.44
CA GLU A 13 -3.24 -7.54 -1.90
C GLU A 13 -4.34 -7.62 -2.97
N ARG A 14 -4.15 -6.95 -4.12
CA ARG A 14 -5.10 -7.02 -5.23
C ARG A 14 -4.81 -8.16 -6.23
N ILE A 15 -3.83 -9.03 -5.94
CA ILE A 15 -3.51 -10.14 -6.80
C ILE A 15 -3.82 -11.47 -6.09
N GLU A 16 -4.50 -12.37 -6.80
CA GLU A 16 -4.74 -13.73 -6.27
C GLU A 16 -3.95 -14.69 -7.16
N LEU A 17 -2.87 -15.25 -6.62
CA LEU A 17 -2.01 -16.16 -7.39
C LEU A 17 -2.69 -17.52 -7.61
N GLY A 18 -2.70 -17.96 -8.86
CA GLY A 18 -3.29 -19.24 -9.23
C GLY A 18 -2.24 -20.26 -9.64
N ARG A 19 -2.63 -21.18 -10.54
CA ARG A 19 -1.73 -22.27 -10.96
C ARG A 19 -0.60 -21.84 -11.88
N CYS A 20 0.47 -22.62 -11.88
CA CYS A 20 1.61 -22.40 -12.76
C CYS A 20 1.16 -22.74 -14.19
N ILE A 21 1.46 -21.86 -15.14
CA ILE A 21 1.11 -22.05 -16.54
C ILE A 21 2.34 -22.15 -17.45
N GLY A 22 3.55 -22.08 -16.90
CA GLY A 22 4.76 -22.18 -17.69
C GLY A 22 5.99 -21.67 -16.97
N GLU A 23 7.10 -21.69 -17.68
CA GLU A 23 8.36 -21.20 -17.16
C GLU A 23 8.86 -20.08 -18.04
N GLY A 24 9.40 -19.07 -17.40
CA GLY A 24 10.02 -17.96 -18.08
C GLY A 24 11.52 -17.97 -17.81
N GLN A 25 12.23 -17.01 -18.40
CA GLN A 25 13.67 -16.90 -18.22
C GLN A 25 14.06 -16.66 -16.76
N PHE A 26 13.29 -15.85 -16.04
CA PHE A 26 13.60 -15.50 -14.66
C PHE A 26 12.87 -16.33 -13.60
N GLY A 27 11.87 -17.12 -14.00
CA GLY A 27 11.10 -17.93 -13.06
C GLY A 27 9.76 -18.36 -13.61
N ASP A 28 8.99 -19.12 -12.81
CA ASP A 28 7.68 -19.62 -13.20
C ASP A 28 6.68 -18.50 -13.45
N VAL A 29 5.76 -18.75 -14.38
CA VAL A 29 4.66 -17.86 -14.69
C VAL A 29 3.40 -18.57 -14.21
N HIS A 30 2.53 -17.84 -13.53
CA HIS A 30 1.28 -18.36 -13.04
C HIS A 30 0.13 -17.57 -13.64
N GLN A 31 -1.06 -18.16 -13.67
CA GLN A 31 -2.25 -17.40 -14.03
C GLN A 31 -2.85 -16.95 -12.65
N GLY A 32 -3.66 -15.91 -12.68
CA GLY A 32 -4.28 -15.40 -11.46
C GLY A 32 -5.36 -14.40 -11.76
N ILE A 33 -5.74 -13.63 -10.73
CA ILE A 33 -6.76 -12.62 -10.86
C ILE A 33 -6.27 -11.30 -10.30
N TYR A 34 -6.56 -10.20 -11.01
CA TYR A 34 -6.27 -8.86 -10.53
C TYR A 34 -7.60 -8.19 -10.14
N MET A 35 -7.76 -7.89 -8.86
CA MET A 35 -8.94 -7.24 -8.32
C MET A 35 -8.74 -5.74 -8.49
N SER A 36 -9.03 -5.25 -9.67
CA SER A 36 -8.90 -3.85 -10.03
C SER A 36 -9.81 -2.95 -9.18
N PRO A 37 -9.32 -1.75 -8.79
CA PRO A 37 -10.15 -0.85 -7.96
C PRO A 37 -11.45 -0.43 -8.62
N GLU A 38 -12.61 -0.72 -7.97
CA GLU A 38 -13.97 -0.43 -8.44
C GLU A 38 -14.26 -0.98 -9.86
N ASN A 39 -13.63 -2.09 -10.23
CA ASN A 39 -13.79 -2.67 -11.58
C ASN A 39 -13.91 -4.20 -11.52
N PRO A 40 -14.40 -4.87 -12.60
CA PRO A 40 -14.45 -6.34 -12.55
C PRO A 40 -13.04 -6.93 -12.47
N ALA A 41 -12.92 -8.08 -11.82
CA ALA A 41 -11.65 -8.75 -11.67
C ALA A 41 -11.17 -9.26 -13.03
N LEU A 42 -9.88 -9.07 -13.35
CA LEU A 42 -9.31 -9.47 -14.61
C LEU A 42 -8.49 -10.71 -14.47
N ALA A 43 -8.51 -11.56 -15.49
CA ALA A 43 -7.68 -12.76 -15.52
C ALA A 43 -6.31 -12.25 -15.96
N VAL A 44 -5.23 -12.64 -15.24
CA VAL A 44 -3.91 -12.13 -15.52
C VAL A 44 -2.85 -13.26 -15.53
N ALA A 45 -1.68 -12.95 -16.11
CA ALA A 45 -0.50 -13.80 -16.10
C ALA A 45 0.49 -13.08 -15.16
N ILE A 46 0.97 -13.78 -14.13
CA ILE A 46 1.90 -13.27 -13.14
C ILE A 46 3.27 -13.92 -13.39
N LYS A 47 4.23 -13.13 -13.80
CA LYS A 47 5.58 -13.58 -14.05
C LYS A 47 6.38 -13.41 -12.75
N THR A 48 6.97 -14.52 -12.29
CA THR A 48 7.76 -14.52 -11.06
C THR A 48 9.25 -14.51 -11.39
N CYS A 49 10.05 -14.11 -10.43
CA CYS A 49 11.48 -14.02 -10.61
C CYS A 49 12.13 -14.65 -9.39
N LYS A 50 12.79 -15.81 -9.60
CA LYS A 50 13.43 -16.59 -8.54
C LYS A 50 14.54 -15.83 -7.79
N ASN A 51 15.49 -15.23 -8.53
CA ASN A 51 16.61 -14.55 -7.92
C ASN A 51 16.46 -13.02 -7.90
N CYS A 52 15.22 -12.48 -7.86
CA CYS A 52 15.04 -11.02 -7.89
C CYS A 52 15.32 -10.32 -6.56
N THR A 53 15.73 -11.08 -5.51
CA THR A 53 16.25 -10.47 -4.28
C THR A 53 17.53 -9.62 -4.62
N SER A 54 18.21 -9.98 -5.73
CA SER A 54 19.35 -9.28 -6.26
C SER A 54 18.80 -8.11 -7.09
N ASP A 55 19.17 -6.86 -6.74
CA ASP A 55 18.76 -5.65 -7.44
C ASP A 55 19.19 -5.71 -8.92
N SER A 56 20.35 -6.37 -9.22
CA SER A 56 20.87 -6.53 -10.58
C SER A 56 19.95 -7.42 -11.46
N VAL A 57 19.41 -8.51 -10.89
CA VAL A 57 18.50 -9.40 -11.60
C VAL A 57 17.13 -8.71 -11.77
N ARG A 58 16.72 -7.95 -10.74
CA ARG A 58 15.47 -7.19 -10.76
C ARG A 58 15.42 -6.19 -11.90
N GLU A 59 16.53 -5.45 -12.13
CA GLU A 59 16.60 -4.46 -13.20
C GLU A 59 16.43 -5.13 -14.57
N LYS A 60 17.05 -6.31 -14.78
CA LYS A 60 16.91 -7.05 -16.04
C LYS A 60 15.51 -7.63 -16.23
N PHE A 61 14.91 -8.16 -15.15
CA PHE A 61 13.55 -8.72 -15.19
C PHE A 61 12.53 -7.62 -15.50
N LEU A 62 12.65 -6.46 -14.86
CA LEU A 62 11.73 -5.34 -15.06
C LEU A 62 11.92 -4.60 -16.39
N GLN A 63 13.05 -4.78 -17.11
CA GLN A 63 13.29 -4.10 -18.40
C GLN A 63 12.14 -4.26 -19.39
N GLU A 64 11.64 -5.49 -19.54
CA GLU A 64 10.54 -5.77 -20.46
C GLU A 64 9.23 -5.08 -20.05
N ALA A 65 8.96 -4.97 -18.73
CA ALA A 65 7.75 -4.26 -18.26
C ALA A 65 7.84 -2.75 -18.57
N LEU A 66 9.06 -2.16 -18.48
CA LEU A 66 9.26 -0.74 -18.81
C LEU A 66 8.89 -0.50 -20.28
N THR A 67 9.29 -1.43 -21.16
CA THR A 67 9.00 -1.37 -22.58
C THR A 67 7.51 -1.53 -22.85
N MET A 68 6.87 -2.54 -22.22
CA MET A 68 5.44 -2.78 -22.43
C MET A 68 4.53 -1.63 -22.03
N ARG A 69 4.92 -0.83 -21.03
CA ARG A 69 4.09 0.27 -20.56
C ARG A 69 3.70 1.30 -21.66
N GLN A 70 4.56 1.48 -22.66
CA GLN A 70 4.28 2.46 -23.71
C GLN A 70 3.38 1.92 -24.83
N PHE A 71 3.02 0.62 -24.82
CA PHE A 71 2.15 0.09 -25.85
C PHE A 71 0.69 -0.05 -25.43
N ASP A 72 -0.22 0.18 -26.39
CA ASP A 72 -1.66 0.06 -26.19
C ASP A 72 -2.28 -0.33 -27.54
N HIS A 73 -2.45 -1.64 -27.77
CA HIS A 73 -2.99 -2.15 -29.03
C HIS A 73 -3.78 -3.43 -28.81
N PRO A 74 -4.89 -3.61 -29.52
CA PRO A 74 -5.69 -4.85 -29.34
C PRO A 74 -4.98 -6.18 -29.61
N HIS A 75 -3.86 -6.17 -30.35
CA HIS A 75 -3.15 -7.41 -30.68
C HIS A 75 -1.74 -7.47 -30.11
N ILE A 76 -1.53 -6.78 -28.97
CA ILE A 76 -0.30 -6.79 -28.18
C ILE A 76 -0.72 -7.01 -26.72
N VAL A 77 -0.08 -7.98 -26.01
CA VAL A 77 -0.44 -8.25 -24.61
C VAL A 77 -0.22 -6.99 -23.75
N LYS A 78 -1.17 -6.69 -22.91
CA LYS A 78 -1.16 -5.49 -22.09
C LYS A 78 -0.50 -5.68 -20.75
N LEU A 79 0.34 -4.73 -20.36
CA LEU A 79 0.97 -4.71 -19.05
C LEU A 79 -0.09 -4.13 -18.12
N ILE A 80 -0.38 -4.85 -17.04
CA ILE A 80 -1.33 -4.39 -16.03
C ILE A 80 -0.54 -3.55 -14.98
N GLY A 81 0.60 -4.07 -14.55
CA GLY A 81 1.49 -3.42 -13.61
C GLY A 81 2.58 -4.35 -13.10
N VAL A 82 3.34 -3.88 -12.11
CA VAL A 82 4.44 -4.60 -11.48
C VAL A 82 4.40 -4.39 -9.94
N ILE A 83 5.04 -5.32 -9.21
CA ILE A 83 5.18 -5.26 -7.75
C ILE A 83 6.69 -5.35 -7.52
N THR A 84 7.31 -4.27 -7.04
CA THR A 84 8.77 -4.23 -6.88
C THR A 84 9.29 -4.72 -5.52
N GLU A 85 8.40 -5.02 -4.56
CA GLU A 85 8.84 -5.61 -3.29
C GLU A 85 9.03 -7.13 -3.47
N ASN A 86 9.89 -7.77 -2.65
CA ASN A 86 10.12 -9.23 -2.78
C ASN A 86 8.93 -10.03 -2.27
N PRO A 87 8.44 -11.01 -3.04
CA PRO A 87 8.94 -11.42 -4.37
C PRO A 87 8.46 -10.53 -5.52
N VAL A 88 9.37 -10.10 -6.38
CA VAL A 88 9.06 -9.22 -7.51
C VAL A 88 8.16 -9.91 -8.54
N TRP A 89 7.07 -9.24 -8.93
CA TRP A 89 6.14 -9.80 -9.91
C TRP A 89 5.85 -8.82 -11.05
N ILE A 90 5.61 -9.36 -12.26
CA ILE A 90 5.18 -8.64 -13.46
C ILE A 90 3.78 -9.17 -13.80
N ILE A 91 2.77 -8.29 -13.81
CA ILE A 91 1.38 -8.66 -14.10
C ILE A 91 0.96 -8.19 -15.49
N MET A 92 0.60 -9.17 -16.33
CA MET A 92 0.15 -8.96 -17.70
C MET A 92 -1.31 -9.42 -17.85
N GLU A 93 -1.98 -8.89 -18.87
CA GLU A 93 -3.35 -9.35 -19.23
C GLU A 93 -3.16 -10.81 -19.65
N LEU A 94 -4.08 -11.70 -19.28
CA LEU A 94 -3.91 -13.13 -19.62
C LEU A 94 -4.55 -13.49 -20.96
N CYS A 95 -3.79 -14.17 -21.81
CA CYS A 95 -4.36 -14.72 -23.06
C CYS A 95 -4.75 -16.14 -22.66
N THR A 96 -6.06 -16.36 -22.48
CA THR A 96 -6.60 -17.59 -21.84
C THR A 96 -6.18 -18.86 -22.57
N LEU A 97 -6.17 -18.87 -23.90
CA LEU A 97 -5.90 -20.11 -24.59
C LEU A 97 -4.41 -20.48 -24.79
N GLY A 98 -3.49 -19.65 -24.32
CA GLY A 98 -2.07 -19.98 -24.36
C GLY A 98 -1.27 -19.70 -25.62
N GLU A 99 -0.13 -20.38 -25.77
CA GLU A 99 0.84 -20.22 -26.87
C GLU A 99 0.24 -20.66 -28.21
N LEU A 100 0.39 -19.81 -29.24
CA LEU A 100 -0.10 -20.07 -30.60
C LEU A 100 0.40 -21.41 -31.23
N ARG A 101 1.68 -21.78 -31.08
CA ARG A 101 2.20 -23.03 -31.69
C ARG A 101 1.46 -24.26 -31.21
N SER A 102 1.31 -24.40 -29.89
N SER A 102 1.31 -24.40 -29.89
CA SER A 102 0.62 -25.52 -29.27
CA SER A 102 0.61 -25.53 -29.28
C SER A 102 -0.85 -25.54 -29.70
C SER A 102 -0.85 -25.54 -29.70
N PHE A 103 -1.48 -24.36 -29.75
CA PHE A 103 -2.88 -24.23 -30.15
C PHE A 103 -3.06 -24.71 -31.60
N LEU A 104 -2.13 -24.31 -32.51
CA LEU A 104 -2.19 -24.73 -33.93
C LEU A 104 -1.89 -26.21 -34.10
N GLN A 105 -0.92 -26.74 -33.35
CA GLN A 105 -0.56 -28.16 -33.45
C GLN A 105 -1.71 -29.09 -33.06
N VAL A 106 -2.42 -28.74 -31.98
CA VAL A 106 -3.53 -29.55 -31.50
C VAL A 106 -4.72 -29.47 -32.43
N ARG A 107 -4.94 -28.32 -33.05
CA ARG A 107 -6.08 -28.14 -33.92
C ARG A 107 -5.78 -28.32 -35.39
N LYS A 108 -4.61 -28.86 -35.77
CA LYS A 108 -4.24 -29.06 -37.21
C LYS A 108 -5.40 -29.50 -38.15
N TYR A 109 -6.13 -30.55 -37.78
CA TYR A 109 -7.23 -31.03 -38.63
C TYR A 109 -8.61 -30.49 -38.23
N SER A 110 -8.67 -29.25 -37.70
CA SER A 110 -9.96 -28.71 -37.29
C SER A 110 -10.06 -27.20 -37.43
N LEU A 111 -8.93 -26.48 -37.43
CA LEU A 111 -8.99 -25.02 -37.60
C LEU A 111 -9.12 -24.74 -39.06
N ASP A 112 -10.08 -23.89 -39.44
CA ASP A 112 -10.18 -23.57 -40.87
C ASP A 112 -9.12 -22.53 -41.29
N LEU A 113 -8.87 -22.48 -42.60
CA LEU A 113 -7.90 -21.61 -43.25
C LEU A 113 -8.19 -20.14 -42.99
N ALA A 114 -9.48 -19.73 -42.96
CA ALA A 114 -9.85 -18.35 -42.66
C ALA A 114 -9.34 -17.91 -41.28
N SER A 115 -9.31 -18.84 -40.30
CA SER A 115 -8.79 -18.50 -38.96
C SER A 115 -7.28 -18.28 -39.04
N LEU A 116 -6.56 -19.13 -39.79
CA LEU A 116 -5.10 -18.97 -39.93
C LEU A 116 -4.74 -17.63 -40.59
N ILE A 117 -5.50 -17.25 -41.64
CA ILE A 117 -5.27 -15.98 -42.34
C ILE A 117 -5.58 -14.81 -41.41
N LEU A 118 -6.67 -14.92 -40.62
CA LEU A 118 -7.06 -13.94 -39.63
C LEU A 118 -5.94 -13.70 -38.62
N TYR A 119 -5.28 -14.76 -38.12
CA TYR A 119 -4.18 -14.60 -37.17
C TYR A 119 -3.04 -13.80 -37.77
N ALA A 120 -2.66 -14.09 -39.02
CA ALA A 120 -1.61 -13.36 -39.74
C ALA A 120 -2.00 -11.89 -39.90
N TYR A 121 -3.25 -11.64 -40.30
CA TYR A 121 -3.75 -10.27 -40.45
C TYR A 121 -3.63 -9.48 -39.13
N GLN A 122 -4.10 -10.05 -38.03
CA GLN A 122 -4.07 -9.39 -36.74
C GLN A 122 -2.65 -9.07 -36.32
N LEU A 123 -1.73 -10.01 -36.50
CA LEU A 123 -0.34 -9.79 -36.18
C LEU A 123 0.27 -8.65 -37.03
N SER A 124 -0.12 -8.55 -38.31
CA SER A 124 0.38 -7.45 -39.17
C SER A 124 -0.07 -6.06 -38.62
N THR A 125 -1.25 -5.97 -37.99
CA THR A 125 -1.73 -4.70 -37.41
C THR A 125 -0.90 -4.34 -36.16
N ALA A 126 -0.55 -5.35 -35.34
CA ALA A 126 0.27 -5.11 -34.16
C ALA A 126 1.68 -4.64 -34.56
N LEU A 127 2.23 -5.22 -35.63
CA LEU A 127 3.57 -4.90 -36.13
C LEU A 127 3.64 -3.54 -36.85
N ALA A 128 2.57 -3.14 -37.56
CA ALA A 128 2.51 -1.79 -38.13
C ALA A 128 2.45 -0.78 -36.94
N TYR A 129 1.67 -1.09 -35.89
CA TYR A 129 1.61 -0.25 -34.70
C TYR A 129 3.01 -0.12 -34.03
N LEU A 130 3.75 -1.24 -33.93
CA LEU A 130 5.08 -1.27 -33.32
C LEU A 130 6.04 -0.35 -34.06
N GLU A 131 5.98 -0.43 -35.39
CA GLU A 131 6.76 0.38 -36.29
C GLU A 131 6.45 1.87 -36.06
N SER A 132 5.15 2.22 -35.94
N SER A 132 5.16 2.23 -35.96
CA SER A 132 4.67 3.60 -35.69
CA SER A 132 4.77 3.63 -35.74
C SER A 132 5.22 4.19 -34.39
C SER A 132 5.37 4.20 -34.45
N LYS A 133 5.67 3.35 -33.46
CA LYS A 133 6.25 3.79 -32.21
C LYS A 133 7.78 3.73 -32.19
N ARG A 134 8.43 3.58 -33.36
CA ARG A 134 9.88 3.50 -33.51
C ARG A 134 10.49 2.27 -32.82
N PHE A 135 9.70 1.19 -32.67
CA PHE A 135 10.19 -0.05 -32.09
C PHE A 135 10.39 -1.10 -33.17
N VAL A 136 11.47 -1.82 -33.04
CA VAL A 136 11.81 -2.93 -33.89
C VAL A 136 11.76 -4.14 -32.91
N HIS A 137 10.93 -5.14 -33.21
CA HIS A 137 10.71 -6.26 -32.33
C HIS A 137 11.92 -7.21 -32.23
N ARG A 138 12.49 -7.63 -33.39
CA ARG A 138 13.68 -8.50 -33.52
C ARG A 138 13.48 -9.96 -33.13
N ASP A 139 12.26 -10.38 -32.80
CA ASP A 139 12.02 -11.77 -32.40
C ASP A 139 10.60 -12.22 -32.76
N ILE A 140 10.16 -11.91 -33.98
CA ILE A 140 8.83 -12.29 -34.44
C ILE A 140 8.87 -13.75 -34.81
N ALA A 141 8.09 -14.56 -34.10
CA ALA A 141 8.00 -15.99 -34.26
C ALA A 141 6.71 -16.46 -33.61
N ALA A 142 6.15 -17.56 -34.10
CA ALA A 142 4.88 -18.06 -33.54
C ALA A 142 4.95 -18.43 -32.04
N ARG A 143 6.14 -18.78 -31.52
CA ARG A 143 6.31 -19.10 -30.10
C ARG A 143 6.06 -17.86 -29.21
N ASN A 144 6.16 -16.63 -29.78
CA ASN A 144 5.94 -15.38 -29.08
C ASN A 144 4.55 -14.80 -29.31
N VAL A 145 3.63 -15.59 -29.86
CA VAL A 145 2.26 -15.18 -30.09
C VAL A 145 1.36 -15.98 -29.16
N LEU A 146 0.38 -15.32 -28.58
CA LEU A 146 -0.53 -15.93 -27.62
C LEU A 146 -1.95 -15.84 -28.15
N VAL A 147 -2.80 -16.72 -27.66
CA VAL A 147 -4.18 -16.81 -28.10
C VAL A 147 -5.14 -16.33 -27.01
N SER A 148 -5.76 -15.17 -27.24
N SER A 148 -5.76 -15.16 -27.25
CA SER A 148 -6.73 -14.62 -26.30
CA SER A 148 -6.71 -14.57 -26.34
C SER A 148 -8.08 -15.33 -26.42
C SER A 148 -8.07 -15.28 -26.43
N SER A 149 -8.47 -15.67 -27.65
CA SER A 149 -9.72 -16.39 -27.94
C SER A 149 -9.53 -17.05 -29.33
N ASN A 150 -10.51 -17.85 -29.77
CA ASN A 150 -10.43 -18.50 -31.09
C ASN A 150 -10.26 -17.51 -32.24
N ASP A 151 -10.71 -16.26 -32.06
CA ASP A 151 -10.60 -15.28 -33.12
C ASP A 151 -9.75 -14.09 -32.75
N CYS A 152 -8.76 -14.28 -31.88
CA CYS A 152 -7.90 -13.19 -31.45
C CYS A 152 -6.55 -13.69 -30.97
N VAL A 153 -5.49 -13.25 -31.63
CA VAL A 153 -4.13 -13.53 -31.20
C VAL A 153 -3.46 -12.21 -30.83
N LYS A 154 -2.42 -12.30 -29.98
CA LYS A 154 -1.66 -11.09 -29.55
C LYS A 154 -0.16 -11.40 -29.48
N LEU A 155 0.67 -10.43 -29.86
CA LEU A 155 2.16 -10.58 -29.75
C LEU A 155 2.46 -10.51 -28.24
N GLY A 156 3.20 -11.48 -27.70
CA GLY A 156 3.40 -11.54 -26.25
C GLY A 156 4.82 -11.55 -25.71
N ASP A 157 5.85 -11.47 -26.54
CA ASP A 157 7.23 -11.46 -25.98
C ASP A 157 8.03 -10.28 -26.58
N PHE A 158 8.53 -9.38 -25.73
CA PHE A 158 9.29 -8.19 -26.22
C PHE A 158 10.72 -8.18 -25.65
N GLY A 159 11.23 -9.35 -25.28
CA GLY A 159 12.56 -9.51 -24.70
C GLY A 159 13.72 -8.93 -25.47
N LEU A 160 13.66 -9.00 -26.80
CA LEU A 160 14.73 -8.51 -27.69
C LEU A 160 14.37 -7.13 -28.33
N SER A 161 13.19 -6.55 -28.02
CA SER A 161 12.67 -5.31 -28.62
C SER A 161 13.48 -4.03 -28.32
N ARG A 162 13.62 -3.17 -29.37
CA ARG A 162 14.38 -1.90 -29.45
C ARG A 162 15.79 -2.08 -28.91
N LYS A 176 20.67 -17.47 -27.11
CA LYS A 176 20.98 -17.83 -28.50
C LYS A 176 20.18 -17.00 -29.51
N LEU A 177 20.74 -16.83 -30.71
CA LEU A 177 20.12 -16.07 -31.79
C LEU A 177 19.11 -16.89 -32.59
N PRO A 178 17.96 -16.29 -32.92
CA PRO A 178 16.95 -17.01 -33.71
C PRO A 178 17.25 -16.93 -35.21
N ILE A 179 18.38 -17.53 -35.64
CA ILE A 179 18.90 -17.51 -37.00
C ILE A 179 17.87 -17.90 -38.05
N LYS A 180 17.07 -18.98 -37.78
CA LYS A 180 16.08 -19.51 -38.74
C LYS A 180 14.94 -18.54 -39.08
N TRP A 181 14.78 -17.47 -38.29
CA TRP A 181 13.76 -16.43 -38.47
C TRP A 181 14.35 -15.10 -38.95
N MET A 182 15.68 -14.94 -38.89
CA MET A 182 16.38 -13.68 -39.13
C MET A 182 16.66 -13.30 -40.56
N ALA A 183 16.54 -11.99 -40.87
CA ALA A 183 16.83 -11.44 -42.19
C ALA A 183 18.34 -11.53 -42.41
N PRO A 184 18.79 -11.65 -43.69
CA PRO A 184 20.24 -11.76 -43.94
C PRO A 184 21.07 -10.60 -43.39
N GLU A 185 20.60 -9.35 -43.53
CA GLU A 185 21.35 -8.20 -43.03
C GLU A 185 21.47 -8.21 -41.48
N SER A 186 20.55 -8.86 -40.76
CA SER A 186 20.65 -8.96 -39.30
C SER A 186 21.72 -9.99 -38.92
N ILE A 187 21.78 -11.11 -39.66
CA ILE A 187 22.75 -12.17 -39.40
C ILE A 187 24.16 -11.67 -39.77
N ASN A 188 24.31 -11.09 -40.95
CA ASN A 188 25.60 -10.66 -41.46
C ASN A 188 26.15 -9.38 -40.85
N PHE A 189 25.28 -8.39 -40.57
CA PHE A 189 25.77 -7.09 -40.10
C PHE A 189 25.15 -6.55 -38.83
N ARG A 190 24.31 -7.33 -38.18
CA ARG A 190 23.62 -6.89 -36.97
C ARG A 190 22.69 -5.68 -37.23
N ARG A 191 22.14 -5.58 -38.45
CA ARG A 191 21.19 -4.52 -38.77
C ARG A 191 19.75 -5.00 -38.45
N PHE A 192 19.06 -4.27 -37.59
CA PHE A 192 17.69 -4.59 -37.24
C PHE A 192 16.84 -3.36 -37.55
N THR A 193 15.97 -3.48 -38.54
CA THR A 193 15.08 -2.40 -38.98
C THR A 193 13.61 -2.95 -39.06
N SER A 194 12.62 -2.12 -39.43
N SER A 194 12.63 -2.12 -39.43
CA SER A 194 11.27 -2.62 -39.61
CA SER A 194 11.28 -2.63 -39.62
C SER A 194 11.22 -3.58 -40.82
C SER A 194 11.22 -3.58 -40.82
N ALA A 195 12.14 -3.43 -41.81
CA ALA A 195 12.23 -4.33 -42.98
C ALA A 195 12.75 -5.70 -42.54
N SER A 196 13.67 -5.77 -41.55
CA SER A 196 14.11 -7.07 -41.05
C SER A 196 12.98 -7.75 -40.23
N ASP A 197 12.12 -6.95 -39.57
CA ASP A 197 10.96 -7.47 -38.85
C ASP A 197 9.96 -8.07 -39.88
N VAL A 198 9.83 -7.47 -41.08
CA VAL A 198 8.99 -7.97 -42.17
C VAL A 198 9.45 -9.35 -42.62
N TRP A 199 10.77 -9.57 -42.71
CA TRP A 199 11.34 -10.87 -43.06
C TRP A 199 10.88 -11.92 -42.01
N MET A 200 11.06 -11.61 -40.71
CA MET A 200 10.68 -12.47 -39.59
C MET A 200 9.17 -12.75 -39.58
N PHE A 201 8.36 -11.73 -39.86
CA PHE A 201 6.91 -11.85 -39.98
C PHE A 201 6.53 -12.84 -41.11
N GLY A 202 7.28 -12.83 -42.21
CA GLY A 202 7.09 -13.80 -43.29
C GLY A 202 7.28 -15.22 -42.78
N VAL A 203 8.33 -15.45 -41.98
CA VAL A 203 8.60 -16.76 -41.39
C VAL A 203 7.45 -17.14 -40.40
N CYS A 204 6.98 -16.16 -39.60
CA CYS A 204 5.88 -16.37 -38.65
C CYS A 204 4.59 -16.78 -39.40
N MET A 205 4.29 -16.11 -40.54
CA MET A 205 3.13 -16.45 -41.40
C MET A 205 3.26 -17.89 -41.91
N TRP A 206 4.48 -18.29 -42.33
CA TRP A 206 4.74 -19.65 -42.79
C TRP A 206 4.46 -20.64 -41.64
N GLU A 207 4.96 -20.36 -40.41
CA GLU A 207 4.72 -21.22 -39.23
C GLU A 207 3.21 -21.39 -38.99
N ILE A 208 2.41 -20.29 -39.10
CA ILE A 208 0.97 -20.35 -38.89
C ILE A 208 0.32 -21.24 -39.93
N LEU A 209 0.64 -21.03 -41.20
CA LEU A 209 0.11 -21.82 -42.31
C LEU A 209 0.57 -23.29 -42.27
N MET A 210 1.70 -23.57 -41.60
CA MET A 210 2.22 -24.93 -41.35
C MET A 210 1.69 -25.54 -40.05
N HIS A 211 0.70 -24.91 -39.40
CA HIS A 211 0.10 -25.40 -38.15
C HIS A 211 1.12 -25.54 -37.02
N GLY A 212 2.03 -24.59 -36.91
CA GLY A 212 2.99 -24.58 -35.83
C GLY A 212 4.23 -25.44 -35.98
N VAL A 213 4.57 -25.81 -37.20
CA VAL A 213 5.82 -26.53 -37.47
C VAL A 213 6.96 -25.47 -37.52
N LYS A 214 8.14 -25.81 -36.97
CA LYS A 214 9.27 -24.87 -36.98
C LYS A 214 9.94 -24.79 -38.36
N PRO A 215 10.42 -23.61 -38.77
CA PRO A 215 11.14 -23.51 -40.05
C PRO A 215 12.51 -24.20 -39.99
N PHE A 216 12.93 -24.73 -41.13
CA PHE A 216 14.22 -25.39 -41.28
C PHE A 216 14.53 -26.46 -40.22
N GLN A 217 13.55 -27.35 -39.91
CA GLN A 217 13.77 -28.42 -38.92
C GLN A 217 14.86 -29.36 -39.43
N GLY A 218 15.76 -29.76 -38.52
CA GLY A 218 16.85 -30.68 -38.85
C GLY A 218 17.98 -30.07 -39.64
N VAL A 219 17.96 -28.74 -39.87
CA VAL A 219 19.01 -28.03 -40.61
C VAL A 219 19.86 -27.25 -39.62
N LYS A 220 21.19 -27.36 -39.69
CA LYS A 220 22.08 -26.60 -38.81
C LYS A 220 21.97 -25.10 -39.14
N ASN A 221 22.14 -24.24 -38.13
CA ASN A 221 22.04 -22.78 -38.28
C ASN A 221 22.94 -22.23 -39.41
N ASN A 222 24.18 -22.77 -39.56
CA ASN A 222 25.12 -22.35 -40.61
C ASN A 222 24.72 -22.85 -42.00
N ASP A 223 24.05 -23.99 -42.06
CA ASP A 223 23.55 -24.53 -43.30
C ASP A 223 22.37 -23.63 -43.79
N VAL A 224 21.58 -23.04 -42.86
CA VAL A 224 20.45 -22.16 -43.16
C VAL A 224 20.98 -20.87 -43.80
N ILE A 225 22.05 -20.31 -43.25
CA ILE A 225 22.71 -19.08 -43.73
C ILE A 225 23.14 -19.22 -45.20
N GLY A 226 23.79 -20.33 -45.53
CA GLY A 226 24.24 -20.63 -46.87
C GLY A 226 23.07 -20.86 -47.80
N ARG A 227 22.00 -21.50 -47.31
CA ARG A 227 20.81 -21.71 -48.11
C ARG A 227 20.12 -20.38 -48.44
N ILE A 228 19.94 -19.50 -47.46
CA ILE A 228 19.31 -18.19 -47.69
C ILE A 228 20.09 -17.35 -48.69
N GLU A 229 21.42 -17.25 -48.48
CA GLU A 229 22.30 -16.46 -49.35
C GLU A 229 22.26 -17.00 -50.77
N ASN A 230 22.09 -18.33 -50.93
CA ASN A 230 21.97 -18.98 -52.23
C ASN A 230 20.57 -18.86 -52.87
N GLY A 231 19.67 -18.11 -52.26
CA GLY A 231 18.34 -17.91 -52.82
C GLY A 231 17.28 -18.92 -52.40
N GLU A 232 17.64 -19.91 -51.61
CA GLU A 232 16.67 -20.90 -51.12
C GLU A 232 15.69 -20.29 -50.10
N ARG A 233 14.43 -20.72 -50.12
CA ARG A 233 13.40 -20.19 -49.21
C ARG A 233 12.52 -21.34 -48.68
N LEU A 234 11.76 -21.10 -47.60
CA LEU A 234 10.78 -22.04 -47.02
C LEU A 234 9.73 -22.34 -48.08
N PRO A 235 9.34 -23.61 -48.19
CA PRO A 235 8.42 -23.98 -49.29
C PRO A 235 6.97 -23.60 -49.03
N MET A 236 6.15 -23.65 -50.08
CA MET A 236 4.73 -23.31 -49.98
C MET A 236 4.03 -24.29 -49.13
N PRO A 237 3.45 -23.83 -48.00
CA PRO A 237 2.72 -24.77 -47.13
C PRO A 237 1.54 -25.41 -47.90
N PRO A 238 1.30 -26.70 -47.67
CA PRO A 238 0.13 -27.35 -48.31
C PRO A 238 -1.17 -26.58 -48.03
N ASN A 239 -2.01 -26.35 -49.06
CA ASN A 239 -3.27 -25.60 -48.89
C ASN A 239 -3.13 -24.07 -48.61
N CYS A 240 -1.89 -23.54 -48.67
CA CYS A 240 -1.70 -22.10 -48.51
C CYS A 240 -2.19 -21.47 -49.82
N PRO A 241 -3.06 -20.44 -49.76
CA PRO A 241 -3.47 -19.75 -51.00
C PRO A 241 -2.27 -19.20 -51.74
N PRO A 242 -2.18 -19.40 -53.06
CA PRO A 242 -0.97 -18.91 -53.78
C PRO A 242 -0.65 -17.44 -53.56
N THR A 243 -1.69 -16.57 -53.44
CA THR A 243 -1.48 -15.15 -53.20
C THR A 243 -0.79 -14.92 -51.86
N LEU A 244 -1.10 -15.74 -50.85
CA LEU A 244 -0.48 -15.64 -49.54
C LEU A 244 0.98 -16.10 -49.59
N TYR A 245 1.28 -17.18 -50.34
CA TYR A 245 2.66 -17.62 -50.45
C TYR A 245 3.50 -16.60 -51.21
N SER A 246 2.92 -15.96 -52.25
CA SER A 246 3.62 -14.89 -52.99
C SER A 246 3.95 -13.73 -52.05
N LEU A 247 3.04 -13.38 -51.16
CA LEU A 247 3.23 -12.34 -50.15
C LEU A 247 4.38 -12.72 -49.20
N MET A 248 4.44 -13.98 -48.75
CA MET A 248 5.54 -14.46 -47.92
C MET A 248 6.87 -14.35 -48.64
N THR A 249 6.95 -14.74 -49.95
CA THR A 249 8.21 -14.65 -50.69
C THR A 249 8.67 -13.21 -50.87
N LYS A 250 7.73 -12.23 -50.93
CA LYS A 250 8.09 -10.83 -51.03
C LYS A 250 8.70 -10.37 -49.68
N CYS A 251 8.22 -10.90 -48.54
CA CYS A 251 8.82 -10.61 -47.21
C CYS A 251 10.27 -11.09 -47.17
N TRP A 252 10.61 -12.14 -47.96
CA TRP A 252 11.91 -12.73 -48.01
C TRP A 252 12.75 -12.27 -49.17
N ALA A 253 12.54 -11.02 -49.65
CA ALA A 253 13.40 -10.48 -50.68
C ALA A 253 14.74 -10.22 -50.02
N TYR A 254 15.85 -10.63 -50.65
CA TYR A 254 17.18 -10.40 -50.07
C TYR A 254 17.42 -8.90 -49.78
N ASP A 255 17.05 -8.04 -50.70
CA ASP A 255 17.25 -6.61 -50.54
C ASP A 255 16.09 -6.10 -49.69
N PRO A 256 16.38 -5.50 -48.51
CA PRO A 256 15.29 -5.00 -47.65
C PRO A 256 14.38 -3.96 -48.32
N SER A 257 14.90 -3.19 -49.32
CA SER A 257 14.12 -2.21 -50.09
C SER A 257 13.00 -2.86 -50.93
N ARG A 258 13.17 -4.14 -51.28
CA ARG A 258 12.16 -4.83 -52.09
C ARG A 258 11.07 -5.51 -51.25
N ARG A 259 11.19 -5.49 -49.91
CA ARG A 259 10.17 -6.08 -49.05
C ARG A 259 8.99 -5.10 -48.93
N PRO A 260 7.78 -5.64 -48.75
CA PRO A 260 6.63 -4.76 -48.46
C PRO A 260 6.73 -4.19 -47.04
N ARG A 261 6.01 -3.10 -46.83
CA ARG A 261 5.93 -2.45 -45.54
C ARG A 261 4.79 -3.11 -44.76
N PHE A 262 4.80 -2.98 -43.42
CA PHE A 262 3.72 -3.54 -42.60
C PHE A 262 2.34 -3.00 -43.00
N THR A 263 2.24 -1.73 -43.45
CA THR A 263 0.95 -1.17 -43.88
C THR A 263 0.43 -1.85 -45.16
N GLU A 264 1.35 -2.24 -46.06
CA GLU A 264 1.00 -2.94 -47.28
C GLU A 264 0.63 -4.40 -46.97
N LEU A 265 1.32 -5.04 -46.00
CA LEU A 265 1.03 -6.40 -45.56
C LEU A 265 -0.38 -6.47 -45.01
N LYS A 266 -0.73 -5.51 -44.18
CA LYS A 266 -2.03 -5.42 -43.55
C LYS A 266 -3.15 -5.33 -44.60
N ALA A 267 -2.99 -4.44 -45.60
CA ALA A 267 -3.98 -4.28 -46.67
C ALA A 267 -4.12 -5.53 -47.53
N GLN A 268 -3.00 -6.16 -47.88
CA GLN A 268 -3.02 -7.36 -48.72
C GLN A 268 -3.54 -8.59 -47.98
N LEU A 269 -3.22 -8.69 -46.68
CA LEU A 269 -3.75 -9.77 -45.84
C LEU A 269 -5.26 -9.66 -45.71
N SER A 270 -5.78 -8.42 -45.61
CA SER A 270 -7.23 -8.18 -45.52
C SER A 270 -7.93 -8.66 -46.80
N THR A 271 -7.33 -8.42 -47.97
CA THR A 271 -7.88 -8.85 -49.25
C THR A 271 -7.85 -10.40 -49.33
N ILE A 272 -6.72 -11.01 -48.96
CA ILE A 272 -6.59 -12.46 -48.95
C ILE A 272 -7.63 -13.11 -48.00
N LEU A 273 -7.84 -12.51 -46.80
CA LEU A 273 -8.82 -12.98 -45.82
C LEU A 273 -10.23 -12.93 -46.39
N GLU A 274 -10.60 -11.81 -47.01
CA GLU A 274 -11.93 -11.67 -47.59
C GLU A 274 -12.14 -12.60 -48.79
N GLU A 275 -11.10 -12.87 -49.59
CA GLU A 275 -11.24 -13.83 -50.71
C GLU A 275 -11.47 -15.26 -50.16
N GLU A 276 -10.82 -15.61 -49.04
CA GLU A 276 -11.01 -16.93 -48.44
C GLU A 276 -12.40 -17.02 -47.80
N LYS A 277 -12.85 -15.98 -47.07
CA LYS A 277 -14.17 -15.95 -46.44
C LYS A 277 -15.32 -16.04 -47.45
N ALA A 278 -15.13 -15.47 -48.64
CA ALA A 278 -16.13 -15.57 -49.70
C ALA A 278 -16.07 -16.95 -50.44
N GLN A 279 -15.26 -17.90 -49.92
CA GLN A 279 -15.00 -19.26 -50.40
C GLN A 279 -14.60 -19.30 -51.86
N TYR B 8 24.80 29.52 12.76
CA TYR B 8 23.64 29.00 12.05
C TYR B 8 22.36 29.69 12.55
N GLU B 9 22.23 29.86 13.87
CA GLU B 9 21.14 30.58 14.49
C GLU B 9 21.52 32.07 14.42
N ILE B 10 20.58 32.92 14.02
CA ILE B 10 20.82 34.36 13.91
C ILE B 10 19.99 35.11 14.92
N GLN B 11 20.53 36.24 15.43
CA GLN B 11 19.83 37.11 16.36
C GLN B 11 18.87 38.01 15.61
N ARG B 12 17.59 38.03 16.00
CA ARG B 12 16.58 38.84 15.30
C ARG B 12 16.89 40.34 15.32
N GLU B 13 17.57 40.84 16.39
CA GLU B 13 17.94 42.26 16.47
C GLU B 13 18.95 42.69 15.38
N ARG B 14 19.66 41.71 14.77
CA ARG B 14 20.61 42.02 13.69
C ARG B 14 19.92 42.04 12.29
N ILE B 15 18.59 41.96 12.24
CA ILE B 15 17.87 41.97 10.99
C ILE B 15 17.03 43.25 10.90
N GLU B 16 17.11 43.96 9.78
CA GLU B 16 16.24 45.08 9.52
C GLU B 16 15.27 44.58 8.45
N LEU B 17 14.00 44.34 8.83
CA LEU B 17 13.02 43.80 7.90
C LEU B 17 12.55 44.88 6.97
N GLY B 18 12.59 44.60 5.67
CA GLY B 18 12.18 45.59 4.68
C GLY B 18 10.89 45.21 3.99
N ARG B 19 10.76 45.61 2.71
CA ARG B 19 9.53 45.38 1.97
C ARG B 19 9.31 43.94 1.53
N CYS B 20 8.05 43.57 1.34
CA CYS B 20 7.68 42.26 0.83
C CYS B 20 8.12 42.19 -0.64
N ILE B 21 8.80 41.13 -1.02
CA ILE B 21 9.26 40.94 -2.39
C ILE B 21 8.59 39.75 -3.10
N GLY B 22 7.71 39.04 -2.42
CA GLY B 22 7.06 37.88 -2.99
C GLY B 22 6.41 36.98 -1.97
N GLU B 23 5.85 35.91 -2.46
CA GLU B 23 5.18 34.93 -1.62
C GLU B 23 5.84 33.60 -1.82
N GLY B 24 6.01 32.88 -0.73
CA GLY B 24 6.52 31.53 -0.75
C GLY B 24 5.42 30.57 -0.33
N GLN B 25 5.74 29.27 -0.30
CA GLN B 25 4.76 28.26 0.10
C GLN B 25 4.27 28.47 1.52
N PHE B 26 5.16 28.84 2.44
CA PHE B 26 4.83 29.00 3.85
C PHE B 26 4.48 30.42 4.30
N GLY B 27 4.73 31.40 3.44
CA GLY B 27 4.45 32.80 3.79
C GLY B 27 5.23 33.79 2.95
N ASP B 28 5.04 35.07 3.23
CA ASP B 28 5.67 36.16 2.49
C ASP B 28 7.18 36.16 2.66
N VAL B 29 7.87 36.60 1.64
CA VAL B 29 9.30 36.77 1.65
C VAL B 29 9.55 38.27 1.57
N HIS B 30 10.43 38.77 2.41
CA HIS B 30 10.78 40.19 2.43
C HIS B 30 12.24 40.35 2.11
N GLN B 31 12.62 41.54 1.64
CA GLN B 31 14.04 41.84 1.52
C GLN B 31 14.39 42.58 2.83
N GLY B 32 15.67 42.59 3.17
CA GLY B 32 16.14 43.28 4.36
C GLY B 32 17.63 43.37 4.40
N ILE B 33 18.15 43.67 5.58
CA ILE B 33 19.57 43.79 5.80
C ILE B 33 19.95 42.96 7.01
N TYR B 34 21.07 42.25 6.92
CA TYR B 34 21.60 41.50 8.03
C TYR B 34 22.87 42.23 8.51
N MET B 35 22.83 42.78 9.73
CA MET B 35 23.96 43.46 10.35
C MET B 35 24.87 42.39 10.93
N SER B 36 25.70 41.78 10.08
N SER B 36 25.69 41.78 10.08
CA SER B 36 26.63 40.73 10.47
CA SER B 36 26.64 40.74 10.44
C SER B 36 27.64 41.21 11.50
C SER B 36 27.66 41.21 11.49
N PRO B 37 28.05 40.37 12.46
CA PRO B 37 29.04 40.82 13.47
C PRO B 37 30.45 41.00 12.87
N GLU B 38 31.10 42.18 13.08
CA GLU B 38 32.44 42.50 12.58
C GLU B 38 32.57 42.54 11.05
N ASN B 39 31.44 42.52 10.33
CA ASN B 39 31.46 42.43 8.87
C ASN B 39 30.52 43.46 8.23
N PRO B 40 30.65 43.76 6.91
CA PRO B 40 29.67 44.66 6.28
C PRO B 40 28.26 44.06 6.31
N ALA B 41 27.26 44.92 6.37
CA ALA B 41 25.87 44.51 6.37
C ALA B 41 25.54 43.86 5.00
N LEU B 42 24.79 42.77 5.02
CA LEU B 42 24.43 42.07 3.80
C LEU B 42 23.00 42.33 3.41
N ALA B 43 22.72 42.41 2.11
CA ALA B 43 21.35 42.50 1.61
C ALA B 43 20.82 41.04 1.67
N VAL B 44 19.65 40.83 2.25
CA VAL B 44 19.12 39.46 2.41
C VAL B 44 17.65 39.33 2.02
N ALA B 45 17.20 38.08 1.82
CA ALA B 45 15.79 37.72 1.63
C ALA B 45 15.40 36.98 2.93
N ILE B 46 14.30 37.38 3.54
CA ILE B 46 13.80 36.82 4.78
C ILE B 46 12.52 36.08 4.50
N LYS B 47 12.59 34.77 4.57
CA LYS B 47 11.42 33.94 4.33
C LYS B 47 10.66 33.80 5.64
N THR B 48 9.40 34.21 5.64
CA THR B 48 8.57 34.10 6.83
C THR B 48 7.62 32.89 6.68
N CYS B 49 7.03 32.47 7.79
CA CYS B 49 6.16 31.33 7.86
C CYS B 49 4.92 31.72 8.68
N LYS B 50 3.78 31.84 8.01
CA LYS B 50 2.51 32.25 8.62
C LYS B 50 1.99 31.28 9.69
N ASN B 51 1.94 29.98 9.37
CA ASN B 51 1.40 28.98 10.29
C ASN B 51 2.49 28.19 11.02
N CYS B 52 3.68 28.79 11.29
CA CYS B 52 4.76 28.06 11.95
C CYS B 52 4.56 27.90 13.46
N THR B 53 3.38 28.24 13.99
CA THR B 53 3.03 27.97 15.38
C THR B 53 2.86 26.43 15.57
N SER B 54 2.38 25.77 14.51
CA SER B 54 2.21 24.30 14.47
C SER B 54 3.59 23.65 14.36
N ASP B 55 3.87 22.64 15.19
CA ASP B 55 5.20 21.96 15.17
C ASP B 55 5.44 21.31 13.81
N SER B 56 4.40 20.72 13.22
CA SER B 56 4.51 20.03 11.91
C SER B 56 4.90 21.02 10.81
N VAL B 57 4.33 22.22 10.80
CA VAL B 57 4.60 23.21 9.76
C VAL B 57 6.03 23.74 9.88
N ARG B 58 6.50 23.99 11.13
CA ARG B 58 7.85 24.47 11.38
C ARG B 58 8.90 23.49 10.89
N GLU B 59 8.70 22.18 11.14
CA GLU B 59 9.63 21.15 10.70
C GLU B 59 9.75 21.13 9.16
N LYS B 60 8.64 21.29 8.45
CA LYS B 60 8.62 21.30 6.99
C LYS B 60 9.27 22.58 6.43
N PHE B 61 9.00 23.73 7.08
CA PHE B 61 9.56 25.02 6.67
C PHE B 61 11.07 25.01 6.86
N LEU B 62 11.56 24.53 8.03
CA LEU B 62 12.97 24.47 8.33
C LEU B 62 13.74 23.41 7.56
N GLN B 63 13.04 22.46 6.89
CA GLN B 63 13.74 21.45 6.09
C GLN B 63 14.48 22.05 4.93
N GLU B 64 13.95 23.16 4.34
CA GLU B 64 14.65 23.81 3.24
C GLU B 64 15.98 24.36 3.70
N ALA B 65 16.01 24.95 4.90
CA ALA B 65 17.22 25.49 5.47
C ALA B 65 18.24 24.39 5.79
N LEU B 66 17.81 23.25 6.36
CA LEU B 66 18.70 22.12 6.65
C LEU B 66 19.35 21.61 5.34
N THR B 67 18.57 21.58 4.25
CA THR B 67 19.07 21.16 2.96
C THR B 67 20.08 22.16 2.41
N MET B 68 19.73 23.45 2.42
CA MET B 68 20.63 24.49 1.92
C MET B 68 21.92 24.62 2.70
N ARG B 69 21.90 24.25 4.00
CA ARG B 69 23.06 24.35 4.88
C ARG B 69 24.26 23.54 4.37
N GLN B 70 23.98 22.40 3.73
CA GLN B 70 25.03 21.53 3.22
C GLN B 70 25.74 22.09 1.95
N PHE B 71 25.19 23.14 1.29
CA PHE B 71 25.77 23.65 0.06
C PHE B 71 26.54 24.95 0.19
N ASP B 72 27.60 25.09 -0.58
CA ASP B 72 28.42 26.30 -0.63
C ASP B 72 28.96 26.45 -2.06
N HIS B 73 28.28 27.24 -2.89
CA HIS B 73 28.69 27.41 -4.28
C HIS B 73 28.32 28.80 -4.80
N PRO B 74 29.18 29.43 -5.63
CA PRO B 74 28.86 30.77 -6.14
C PRO B 74 27.57 30.91 -6.96
N HIS B 75 27.04 29.80 -7.50
CA HIS B 75 25.82 29.88 -8.30
C HIS B 75 24.64 29.12 -7.69
N ILE B 76 24.62 29.05 -6.37
CA ILE B 76 23.52 28.50 -5.58
C ILE B 76 23.24 29.54 -4.49
N VAL B 77 21.97 29.95 -4.28
CA VAL B 77 21.63 30.94 -3.26
C VAL B 77 22.05 30.42 -1.88
N LYS B 78 22.74 31.28 -1.13
CA LYS B 78 23.32 30.90 0.13
C LYS B 78 22.38 31.10 1.30
N LEU B 79 22.35 30.11 2.21
CA LEU B 79 21.61 30.23 3.45
C LEU B 79 22.52 31.03 4.37
N ILE B 80 21.99 32.13 4.94
CA ILE B 80 22.76 32.96 5.87
C ILE B 80 22.58 32.38 7.28
N GLY B 81 21.35 32.05 7.63
CA GLY B 81 20.99 31.43 8.90
C GLY B 81 19.49 31.34 9.10
N VAL B 82 19.07 30.93 10.31
CA VAL B 82 17.67 30.80 10.68
C VAL B 82 17.42 31.41 12.06
N ILE B 83 16.15 31.76 12.33
CA ILE B 83 15.71 32.25 13.63
C ILE B 83 14.61 31.27 14.01
N THR B 84 14.83 30.43 15.04
CA THR B 84 13.87 29.39 15.42
C THR B 84 12.83 29.83 16.45
N GLU B 85 12.95 31.05 17.01
CA GLU B 85 11.93 31.58 17.92
C GLU B 85 10.77 32.14 17.07
N ASN B 86 9.55 32.22 17.63
CA ASN B 86 8.41 32.74 16.88
C ASN B 86 8.49 34.24 16.72
N PRO B 87 8.30 34.79 15.51
CA PRO B 87 8.02 34.08 14.25
C PRO B 87 9.27 33.51 13.58
N VAL B 88 9.19 32.24 13.14
CA VAL B 88 10.32 31.55 12.54
C VAL B 88 10.70 32.17 11.18
N TRP B 89 12.00 32.48 11.00
CA TRP B 89 12.48 33.07 9.76
C TRP B 89 13.67 32.28 9.18
N ILE B 90 13.79 32.28 7.84
CA ILE B 90 14.95 31.71 7.17
C ILE B 90 15.62 32.89 6.45
N ILE B 91 16.89 33.14 6.75
CA ILE B 91 17.61 34.26 6.15
C ILE B 91 18.48 33.72 5.01
N MET B 92 18.24 34.20 3.78
CA MET B 92 18.97 33.79 2.60
C MET B 92 19.67 35.00 2.01
N GLU B 93 20.70 34.79 1.18
CA GLU B 93 21.35 35.90 0.47
C GLU B 93 20.31 36.47 -0.54
N LEU B 94 20.31 37.78 -0.74
CA LEU B 94 19.39 38.38 -1.71
C LEU B 94 20.05 38.36 -3.10
N CYS B 95 19.30 37.95 -4.12
CA CYS B 95 19.76 38.05 -5.49
C CYS B 95 19.04 39.31 -5.94
N THR B 96 19.75 40.43 -5.92
CA THR B 96 19.17 41.77 -6.06
C THR B 96 18.25 41.99 -7.25
N LEU B 97 18.58 41.43 -8.43
CA LEU B 97 17.80 41.67 -9.63
C LEU B 97 16.56 40.76 -9.84
N GLY B 98 16.27 39.89 -8.89
CA GLY B 98 15.09 39.05 -8.94
C GLY B 98 15.04 37.82 -9.83
N GLU B 99 13.82 37.45 -10.21
CA GLU B 99 13.53 36.27 -11.01
C GLU B 99 14.16 36.30 -12.39
N LEU B 100 14.85 35.19 -12.80
CA LEU B 100 15.44 35.08 -14.14
C LEU B 100 14.43 35.26 -15.26
N ARG B 101 13.22 34.63 -15.15
CA ARG B 101 12.22 34.72 -16.22
C ARG B 101 11.81 36.16 -16.50
N SER B 102 11.49 36.92 -15.45
N SER B 102 11.49 36.92 -15.45
CA SER B 102 11.09 38.32 -15.55
CA SER B 102 11.10 38.33 -15.55
C SER B 102 12.24 39.16 -16.12
C SER B 102 12.24 39.16 -16.12
N PHE B 103 13.47 38.89 -15.68
CA PHE B 103 14.65 39.59 -16.15
C PHE B 103 14.86 39.35 -17.68
N LEU B 104 14.67 38.11 -18.13
CA LEU B 104 14.82 37.80 -19.56
C LEU B 104 13.67 38.38 -20.39
N GLN B 105 12.45 38.35 -19.84
CA GLN B 105 11.29 38.88 -20.54
C GLN B 105 11.35 40.38 -20.76
N VAL B 106 11.94 41.14 -19.83
CA VAL B 106 12.12 42.57 -19.99
C VAL B 106 13.13 42.88 -21.13
N ARG B 107 14.24 42.15 -21.19
CA ARG B 107 15.26 42.40 -22.22
C ARG B 107 14.98 41.80 -23.59
N LYS B 108 14.38 40.61 -23.64
CA LYS B 108 14.06 39.90 -24.87
C LYS B 108 15.26 39.85 -25.85
N TYR B 109 15.09 40.35 -27.07
CA TYR B 109 16.07 40.34 -28.15
C TYR B 109 17.24 41.33 -27.99
N SER B 110 17.25 42.13 -26.92
CA SER B 110 18.34 43.06 -26.64
C SER B 110 19.45 42.46 -25.74
N LEU B 111 19.20 41.32 -25.09
CA LEU B 111 20.24 40.67 -24.32
C LEU B 111 21.16 39.92 -25.26
N ASP B 112 22.45 40.11 -25.06
CA ASP B 112 23.48 39.45 -25.87
C ASP B 112 23.36 37.95 -25.72
N LEU B 113 23.55 37.23 -26.81
CA LEU B 113 23.59 35.77 -26.81
C LEU B 113 24.66 35.25 -25.86
N ALA B 114 25.82 35.93 -25.80
CA ALA B 114 26.90 35.57 -24.88
C ALA B 114 26.42 35.57 -23.43
N SER B 115 25.54 36.51 -23.03
CA SER B 115 24.98 36.51 -21.67
C SER B 115 24.07 35.30 -21.45
N LEU B 116 23.23 34.95 -22.43
CA LEU B 116 22.32 33.80 -22.28
C LEU B 116 23.13 32.49 -22.13
N ILE B 117 24.20 32.33 -22.92
CA ILE B 117 25.08 31.16 -22.85
C ILE B 117 25.78 31.14 -21.51
N LEU B 118 26.24 32.31 -21.03
CA LEU B 118 26.86 32.45 -19.71
C LEU B 118 25.91 31.96 -18.60
N TYR B 119 24.61 32.32 -18.66
CA TYR B 119 23.66 31.88 -17.61
C TYR B 119 23.56 30.35 -17.59
N ALA B 120 23.47 29.70 -18.80
CA ALA B 120 23.39 28.25 -18.90
C ALA B 120 24.67 27.62 -18.34
N TYR B 121 25.85 28.20 -18.68
CA TYR B 121 27.14 27.72 -18.18
C TYR B 121 27.17 27.80 -16.65
N GLN B 122 26.77 28.94 -16.06
CA GLN B 122 26.78 29.12 -14.61
C GLN B 122 25.89 28.11 -13.90
N LEU B 123 24.72 27.84 -14.46
CA LEU B 123 23.81 26.86 -13.90
C LEU B 123 24.39 25.44 -14.01
N SER B 124 25.13 25.13 -15.09
CA SER B 124 25.76 23.83 -15.23
C SER B 124 26.84 23.61 -14.16
N THR B 125 27.52 24.69 -13.71
CA THR B 125 28.51 24.56 -12.63
C THR B 125 27.85 24.30 -11.29
N ALA B 126 26.68 24.93 -11.04
CA ALA B 126 25.95 24.69 -9.80
C ALA B 126 25.43 23.24 -9.78
N LEU B 127 24.96 22.73 -10.94
CA LEU B 127 24.42 21.39 -11.06
C LEU B 127 25.51 20.32 -11.06
N ALA B 128 26.72 20.65 -11.58
CA ALA B 128 27.87 19.74 -11.49
C ALA B 128 28.30 19.67 -10.01
N TYR B 129 28.23 20.79 -9.29
CA TYR B 129 28.53 20.81 -7.85
C TYR B 129 27.51 19.95 -7.09
N LEU B 130 26.20 20.06 -7.42
CA LEU B 130 25.20 19.24 -6.74
C LEU B 130 25.41 17.76 -7.03
N GLU B 131 25.76 17.43 -8.29
CA GLU B 131 26.06 16.09 -8.74
C GLU B 131 27.29 15.56 -8.00
N SER B 132 28.33 16.39 -7.78
CA SER B 132 29.53 16.00 -7.02
C SER B 132 29.19 15.61 -5.56
N LYS B 133 28.10 16.15 -5.01
CA LYS B 133 27.58 15.84 -3.67
C LYS B 133 26.46 14.76 -3.72
N ARG B 134 26.21 14.15 -4.90
CA ARG B 134 25.17 13.15 -5.12
C ARG B 134 23.79 13.68 -4.70
N PHE B 135 23.49 14.93 -5.07
CA PHE B 135 22.21 15.54 -4.73
C PHE B 135 21.32 15.64 -5.97
N VAL B 136 20.09 15.10 -5.91
CA VAL B 136 19.14 15.15 -7.03
C VAL B 136 18.15 16.29 -6.76
N HIS B 137 18.18 17.35 -7.57
CA HIS B 137 17.35 18.55 -7.39
C HIS B 137 15.86 18.30 -7.60
N ARG B 138 15.47 17.68 -8.73
CA ARG B 138 14.11 17.31 -9.11
C ARG B 138 13.23 18.43 -9.65
N ASP B 139 13.71 19.67 -9.68
CA ASP B 139 12.87 20.79 -10.11
C ASP B 139 13.69 21.88 -10.80
N ILE B 140 14.52 21.49 -11.75
CA ILE B 140 15.31 22.45 -12.50
C ILE B 140 14.43 23.11 -13.55
N ALA B 141 14.25 24.42 -13.44
CA ALA B 141 13.41 25.24 -14.29
C ALA B 141 13.84 26.70 -14.10
N ALA B 142 13.64 27.55 -15.13
CA ALA B 142 14.03 28.97 -15.02
C ALA B 142 13.29 29.73 -13.93
N ARG B 143 12.09 29.28 -13.54
CA ARG B 143 11.36 29.91 -12.44
C ARG B 143 12.09 29.76 -11.09
N ASN B 144 13.02 28.79 -10.99
CA ASN B 144 13.80 28.55 -9.77
C ASN B 144 15.21 29.13 -9.84
N VAL B 145 15.45 30.06 -10.82
CA VAL B 145 16.72 30.72 -10.99
C VAL B 145 16.52 32.20 -10.71
N LEU B 146 17.47 32.77 -9.96
CA LEU B 146 17.46 34.18 -9.58
C LEU B 146 18.68 34.90 -10.17
N VAL B 147 18.60 36.23 -10.29
CA VAL B 147 19.63 37.07 -10.88
C VAL B 147 20.32 37.91 -9.79
N SER B 148 21.58 37.63 -9.55
CA SER B 148 22.34 38.36 -8.54
CA SER B 148 22.39 38.31 -8.54
C SER B 148 22.95 39.64 -9.09
N SER B 149 23.32 39.64 -10.38
CA SER B 149 23.86 40.77 -11.14
C SER B 149 23.66 40.45 -12.66
N ASN B 150 23.97 41.40 -13.54
CA ASN B 150 23.85 41.19 -15.00
C ASN B 150 24.65 40.01 -15.50
N ASP B 151 25.73 39.65 -14.80
CA ASP B 151 26.57 38.53 -15.24
C ASP B 151 26.63 37.42 -14.20
N CYS B 152 25.53 37.21 -13.46
CA CYS B 152 25.49 36.17 -12.46
C CYS B 152 24.08 35.73 -12.11
N VAL B 153 23.79 34.44 -12.35
CA VAL B 153 22.53 33.81 -11.98
C VAL B 153 22.83 32.73 -10.92
N LYS B 154 21.79 32.34 -10.17
CA LYS B 154 21.97 31.30 -9.11
C LYS B 154 20.69 30.48 -8.94
N LEU B 155 20.82 29.19 -8.63
CA LEU B 155 19.65 28.32 -8.32
C LEU B 155 19.16 28.76 -6.94
N GLY B 156 17.86 29.00 -6.76
CA GLY B 156 17.39 29.49 -5.45
C GLY B 156 16.27 28.71 -4.77
N ASP B 157 15.71 27.68 -5.41
CA ASP B 157 14.57 26.96 -4.75
C ASP B 157 14.91 25.48 -4.60
N PHE B 158 14.86 24.97 -3.37
CA PHE B 158 15.17 23.54 -3.10
C PHE B 158 14.00 22.90 -2.34
N LEU B 177 2.82 19.33 -10.34
CA LEU B 177 3.97 18.68 -10.98
C LEU B 177 4.44 19.41 -12.22
N PRO B 178 5.76 19.67 -12.35
CA PRO B 178 6.26 20.34 -13.54
C PRO B 178 6.47 19.35 -14.70
N ILE B 179 5.38 18.73 -15.18
CA ILE B 179 5.34 17.74 -16.24
C ILE B 179 6.14 18.15 -17.49
N LYS B 180 5.97 19.39 -17.92
CA LYS B 180 6.62 19.93 -19.10
C LYS B 180 8.16 20.00 -19.01
N TRP B 181 8.71 19.91 -17.80
CA TRP B 181 10.16 19.93 -17.55
C TRP B 181 10.72 18.54 -17.22
N MET B 182 9.85 17.58 -16.90
CA MET B 182 10.22 16.27 -16.40
C MET B 182 10.66 15.25 -17.44
N ALA B 183 11.65 14.45 -17.05
CA ALA B 183 12.14 13.35 -17.87
C ALA B 183 11.03 12.29 -17.97
N PRO B 184 11.00 11.50 -19.06
CA PRO B 184 9.95 10.48 -19.20
C PRO B 184 9.87 9.50 -18.04
N GLU B 185 11.02 9.03 -17.51
CA GLU B 185 11.03 8.10 -16.38
C GLU B 185 10.48 8.72 -15.09
N SER B 186 10.56 10.05 -14.94
CA SER B 186 10.01 10.74 -13.77
C SER B 186 8.48 10.81 -13.87
N ILE B 187 7.94 10.99 -15.08
CA ILE B 187 6.50 11.08 -15.31
C ILE B 187 5.87 9.69 -15.20
N ASN B 188 6.48 8.70 -15.87
CA ASN B 188 5.96 7.35 -15.92
C ASN B 188 6.19 6.53 -14.66
N PHE B 189 7.34 6.67 -14.00
CA PHE B 189 7.67 5.80 -12.86
C PHE B 189 8.08 6.52 -11.58
N ARG B 190 7.99 7.84 -11.55
CA ARG B 190 8.42 8.68 -10.42
C ARG B 190 9.90 8.47 -10.06
N ARG B 191 10.73 8.18 -11.07
CA ARG B 191 12.15 8.01 -10.86
C ARG B 191 12.87 9.36 -11.00
N PHE B 192 13.62 9.73 -9.97
CA PHE B 192 14.38 10.95 -9.97
C PHE B 192 15.83 10.63 -9.71
N THR B 193 16.67 10.79 -10.74
CA THR B 193 18.09 10.49 -10.68
C THR B 193 18.90 11.73 -11.19
N SER B 194 20.25 11.64 -11.15
CA SER B 194 21.11 12.66 -11.70
C SER B 194 20.84 12.83 -13.23
N ALA B 195 20.43 11.74 -13.92
CA ALA B 195 20.11 11.76 -15.34
C ALA B 195 18.78 12.47 -15.63
N SER B 196 17.79 12.34 -14.72
CA SER B 196 16.52 13.06 -14.92
C SER B 196 16.74 14.57 -14.69
N ASP B 197 17.69 14.95 -13.82
CA ASP B 197 18.04 16.35 -13.60
C ASP B 197 18.64 16.94 -14.90
N VAL B 198 19.43 16.15 -15.64
CA VAL B 198 20.04 16.56 -16.91
C VAL B 198 18.95 16.87 -17.94
N TRP B 199 17.88 16.06 -17.97
CA TRP B 199 16.75 16.32 -18.88
C TRP B 199 16.12 17.70 -18.57
N MET B 200 15.87 17.98 -17.28
CA MET B 200 15.29 19.24 -16.78
C MET B 200 16.20 20.41 -17.12
N PHE B 201 17.52 20.21 -16.95
CA PHE B 201 18.49 21.25 -17.28
C PHE B 201 18.42 21.60 -18.77
N GLY B 202 18.20 20.60 -19.63
CA GLY B 202 18.01 20.83 -21.07
C GLY B 202 16.82 21.75 -21.32
N VAL B 203 15.70 21.50 -20.60
CA VAL B 203 14.51 22.36 -20.71
C VAL B 203 14.80 23.78 -20.20
N CYS B 204 15.53 23.88 -19.08
CA CYS B 204 15.92 25.17 -18.49
C CYS B 204 16.80 25.99 -19.45
N MET B 205 17.75 25.33 -20.14
CA MET B 205 18.58 25.98 -21.17
C MET B 205 17.71 26.50 -22.30
N TRP B 206 16.72 25.70 -22.73
CA TRP B 206 15.79 26.11 -23.78
C TRP B 206 15.03 27.38 -23.33
N GLU B 207 14.51 27.40 -22.09
CA GLU B 207 13.81 28.56 -21.51
C GLU B 207 14.68 29.82 -21.55
N ILE B 208 15.97 29.69 -21.18
CA ILE B 208 16.88 30.82 -21.19
C ILE B 208 17.06 31.36 -22.60
N LEU B 209 17.34 30.44 -23.55
CA LEU B 209 17.54 30.83 -24.96
C LEU B 209 16.24 31.40 -25.58
N MET B 210 15.07 31.08 -25.01
CA MET B 210 13.76 31.59 -25.42
C MET B 210 13.36 32.88 -24.69
N HIS B 211 14.28 33.49 -23.92
CA HIS B 211 14.03 34.72 -23.16
C HIS B 211 12.90 34.57 -22.13
N GLY B 212 12.88 33.42 -21.45
CA GLY B 212 11.91 33.20 -20.39
C GLY B 212 10.52 32.74 -20.81
N VAL B 213 10.38 32.21 -22.01
CA VAL B 213 9.10 31.67 -22.47
C VAL B 213 9.00 30.22 -21.89
N LYS B 214 7.81 29.82 -21.46
CA LYS B 214 7.58 28.48 -20.92
C LYS B 214 7.55 27.42 -22.02
N PRO B 215 8.06 26.21 -21.73
CA PRO B 215 7.99 25.13 -22.72
C PRO B 215 6.58 24.60 -22.90
N PHE B 216 6.29 24.11 -24.11
CA PHE B 216 5.01 23.51 -24.47
C PHE B 216 3.79 24.38 -24.12
N GLN B 217 3.83 25.69 -24.42
CA GLN B 217 2.67 26.55 -24.14
C GLN B 217 1.46 26.10 -24.97
N GLY B 218 0.29 26.10 -24.37
CA GLY B 218 -0.93 25.67 -25.05
C GLY B 218 -1.11 24.15 -25.23
N VAL B 219 -0.20 23.36 -24.66
CA VAL B 219 -0.29 21.90 -24.73
C VAL B 219 -0.69 21.38 -23.35
N LYS B 220 -1.66 20.45 -23.30
N LYS B 220 -1.66 20.46 -23.29
CA LYS B 220 -2.14 19.85 -22.06
CA LYS B 220 -2.11 19.90 -22.03
C LYS B 220 -1.04 18.97 -21.46
C LYS B 220 -1.03 18.98 -21.45
N ASN B 221 -0.89 18.97 -20.12
CA ASN B 221 0.11 18.14 -19.45
C ASN B 221 0.06 16.66 -19.84
N ASN B 222 -1.15 16.07 -19.83
CA ASN B 222 -1.35 14.68 -20.18
C ASN B 222 -0.89 14.32 -21.61
N ASP B 223 -0.85 15.32 -22.51
CA ASP B 223 -0.42 15.13 -23.89
C ASP B 223 1.10 15.25 -24.10
N VAL B 224 1.85 15.73 -23.07
CA VAL B 224 3.29 15.91 -23.18
C VAL B 224 4.05 14.58 -23.32
N ILE B 225 3.76 13.57 -22.49
CA ILE B 225 4.45 12.27 -22.58
C ILE B 225 4.22 11.60 -23.95
N GLY B 226 3.05 11.82 -24.55
CA GLY B 226 2.72 11.26 -25.86
C GLY B 226 3.59 11.79 -26.97
N ARG B 227 3.86 13.11 -26.94
CA ARG B 227 4.72 13.75 -27.93
C ARG B 227 6.18 13.34 -27.70
N ILE B 228 6.61 13.27 -26.43
CA ILE B 228 7.95 12.86 -26.07
C ILE B 228 8.24 11.42 -26.54
N GLU B 229 7.29 10.50 -26.28
CA GLU B 229 7.40 9.10 -26.69
C GLU B 229 7.32 8.92 -28.22
N ASN B 230 6.79 9.90 -28.94
CA ASN B 230 6.79 9.90 -30.41
C ASN B 230 8.09 10.58 -30.97
N GLY B 231 9.05 10.92 -30.12
CA GLY B 231 10.30 11.51 -30.53
C GLY B 231 10.31 13.02 -30.68
N GLU B 232 9.16 13.68 -30.43
CA GLU B 232 9.05 15.13 -30.53
C GLU B 232 9.85 15.81 -29.41
N ARG B 233 10.50 16.92 -29.75
CA ARG B 233 11.27 17.69 -28.78
C ARG B 233 10.97 19.19 -28.95
N LEU B 234 11.34 20.03 -27.94
CA LEU B 234 11.23 21.49 -28.01
C LEU B 234 12.09 21.96 -29.19
N PRO B 235 11.57 22.91 -29.99
CA PRO B 235 12.30 23.32 -31.19
C PRO B 235 13.49 24.24 -30.90
N MET B 236 14.35 24.42 -31.91
CA MET B 236 15.52 25.27 -31.74
C MET B 236 15.10 26.71 -31.53
N PRO B 237 15.47 27.30 -30.39
CA PRO B 237 15.13 28.70 -30.15
C PRO B 237 15.77 29.62 -31.18
N PRO B 238 15.07 30.69 -31.60
CA PRO B 238 15.68 31.70 -32.49
C PRO B 238 17.03 32.19 -31.97
N ASN B 239 18.04 32.24 -32.85
CA ASN B 239 19.40 32.66 -32.50
C ASN B 239 20.20 31.63 -31.72
N CYS B 240 19.63 30.48 -31.35
CA CYS B 240 20.40 29.49 -30.57
C CYS B 240 21.45 28.85 -31.50
N PRO B 241 22.72 28.87 -31.11
CA PRO B 241 23.75 28.23 -31.95
C PRO B 241 23.43 26.74 -32.14
N PRO B 242 23.54 26.19 -33.35
CA PRO B 242 23.29 24.75 -33.54
C PRO B 242 24.06 23.82 -32.59
N THR B 243 25.29 24.19 -32.22
CA THR B 243 26.06 23.36 -31.27
C THR B 243 25.34 23.30 -29.90
N LEU B 244 24.72 24.41 -29.49
CA LEU B 244 24.00 24.47 -28.21
C LEU B 244 22.68 23.69 -28.30
N TYR B 245 21.99 23.76 -29.44
CA TYR B 245 20.75 23.00 -29.60
C TYR B 245 21.04 21.50 -29.64
N SER B 246 22.17 21.08 -30.29
CA SER B 246 22.58 19.68 -30.28
C SER B 246 22.83 19.20 -28.83
N LEU B 247 23.47 20.03 -28.02
CA LEU B 247 23.69 19.73 -26.61
C LEU B 247 22.35 19.54 -25.85
N MET B 248 21.36 20.42 -26.11
CA MET B 248 20.03 20.28 -25.53
C MET B 248 19.38 18.96 -25.92
N THR B 249 19.45 18.56 -27.22
CA THR B 249 18.84 17.31 -27.68
C THR B 249 19.52 16.07 -27.03
N LYS B 250 20.81 16.15 -26.67
CA LYS B 250 21.48 15.06 -25.95
C LYS B 250 20.94 14.92 -24.51
N CYS B 251 20.58 16.06 -23.87
CA CYS B 251 19.97 16.06 -22.53
C CYS B 251 18.60 15.35 -22.60
N TRP B 252 17.95 15.38 -23.78
CA TRP B 252 16.64 14.82 -23.99
C TRP B 252 16.66 13.46 -24.63
N ALA B 253 17.73 12.66 -24.38
CA ALA B 253 17.77 11.28 -24.87
C ALA B 253 16.71 10.52 -24.06
N TYR B 254 15.83 9.74 -24.71
CA TYR B 254 14.81 8.99 -23.98
C TYR B 254 15.43 8.04 -22.94
N ASP B 255 16.49 7.32 -23.31
CA ASP B 255 17.19 6.43 -22.40
C ASP B 255 18.08 7.28 -21.50
N PRO B 256 17.84 7.26 -20.17
CA PRO B 256 18.66 8.08 -19.26
C PRO B 256 20.14 7.78 -19.29
N SER B 257 20.52 6.52 -19.62
CA SER B 257 21.93 6.13 -19.71
C SER B 257 22.67 6.82 -20.84
N ARG B 258 21.95 7.33 -21.85
CA ARG B 258 22.55 8.03 -22.98
C ARG B 258 22.70 9.54 -22.77
N ARG B 259 22.16 10.09 -21.68
CA ARG B 259 22.29 11.52 -21.41
C ARG B 259 23.68 11.84 -20.88
N PRO B 260 24.24 13.03 -21.21
CA PRO B 260 25.55 13.37 -20.64
C PRO B 260 25.46 13.67 -19.12
N ARG B 261 26.61 13.76 -18.43
CA ARG B 261 26.67 14.19 -17.03
C ARG B 261 27.05 15.70 -17.03
N PHE B 262 26.94 16.34 -15.86
CA PHE B 262 27.17 17.76 -15.71
C PHE B 262 28.62 18.22 -15.93
N THR B 263 29.62 17.38 -15.65
CA THR B 263 31.02 17.74 -15.92
C THR B 263 31.24 17.94 -17.42
N GLU B 264 30.57 17.10 -18.26
CA GLU B 264 30.67 17.22 -19.72
C GLU B 264 29.83 18.39 -20.22
N LEU B 265 28.63 18.60 -19.62
CA LEU B 265 27.78 19.73 -20.02
C LEU B 265 28.49 21.06 -19.77
N LYS B 266 29.18 21.18 -18.64
CA LYS B 266 29.96 22.34 -18.22
C LYS B 266 31.12 22.64 -19.19
N ALA B 267 31.91 21.61 -19.55
CA ALA B 267 33.02 21.75 -20.51
C ALA B 267 32.52 22.17 -21.89
N GLN B 268 31.42 21.58 -22.36
CA GLN B 268 30.89 21.91 -23.68
C GLN B 268 30.24 23.31 -23.73
N LEU B 269 29.58 23.70 -22.64
CA LEU B 269 29.01 25.04 -22.54
C LEU B 269 30.12 26.10 -22.54
N SER B 270 31.26 25.79 -21.91
CA SER B 270 32.42 26.69 -21.88
C SER B 270 32.97 26.91 -23.29
N THR B 271 33.03 25.84 -24.11
CA THR B 271 33.49 25.91 -25.49
C THR B 271 32.50 26.73 -26.30
N ILE B 272 31.21 26.49 -26.12
CA ILE B 272 30.16 27.22 -26.84
C ILE B 272 30.21 28.72 -26.51
N LEU B 273 30.43 29.06 -25.22
CA LEU B 273 30.53 30.42 -24.76
C LEU B 273 31.73 31.12 -25.38
N GLU B 274 32.89 30.47 -25.38
CA GLU B 274 34.09 31.05 -25.98
C GLU B 274 33.97 31.21 -27.50
N GLU B 275 33.28 30.29 -28.18
CA GLU B 275 33.06 30.43 -29.63
C GLU B 275 32.16 31.65 -29.93
N GLU B 276 31.17 31.89 -29.08
CA GLU B 276 30.29 33.03 -29.25
C GLU B 276 31.04 34.34 -28.94
N LYS B 277 31.83 34.37 -27.85
CA LYS B 277 32.60 35.56 -27.46
C LYS B 277 33.65 35.95 -28.49
N ALA B 278 34.22 34.97 -29.19
CA ALA B 278 35.17 35.25 -30.28
C ALA B 278 34.44 35.67 -31.61
N GLN B 279 33.11 35.87 -31.55
CA GLN B 279 32.18 36.26 -32.61
C GLN B 279 32.27 35.35 -33.83
N ASP C 7 13.86 -16.35 19.90
CA ASP C 7 12.82 -15.58 19.22
C ASP C 7 11.46 -15.76 19.92
N TYR C 8 10.72 -14.66 20.07
CA TYR C 8 9.42 -14.70 20.72
C TYR C 8 8.35 -14.02 19.89
N GLU C 9 8.35 -14.31 18.60
CA GLU C 9 7.37 -13.79 17.68
C GLU C 9 6.16 -14.74 17.70
N ILE C 10 4.97 -14.20 17.84
CA ILE C 10 3.75 -14.99 17.87
C ILE C 10 2.90 -14.70 16.65
N GLN C 11 2.21 -15.73 16.14
CA GLN C 11 1.33 -15.59 15.00
C GLN C 11 -0.01 -15.04 15.45
N ARG C 12 -0.49 -14.00 14.76
CA ARG C 12 -1.76 -13.35 15.03
C ARG C 12 -2.95 -14.34 14.99
N GLU C 13 -2.88 -15.31 14.09
CA GLU C 13 -3.92 -16.32 13.93
C GLU C 13 -4.10 -17.20 15.16
N ARG C 14 -3.07 -17.28 16.04
CA ARG C 14 -3.12 -18.07 17.27
C ARG C 14 -3.70 -17.27 18.46
N ILE C 15 -4.21 -16.06 18.23
CA ILE C 15 -4.77 -15.25 19.29
C ILE C 15 -6.29 -15.06 19.08
N GLU C 16 -7.06 -15.22 20.14
CA GLU C 16 -8.48 -14.90 20.12
C GLU C 16 -8.60 -13.68 21.05
N LEU C 17 -8.88 -12.50 20.49
CA LEU C 17 -8.96 -11.27 21.28
C LEU C 17 -10.30 -11.21 22.00
N GLY C 18 -10.26 -10.96 23.30
CA GLY C 18 -11.46 -10.86 24.11
C GLY C 18 -11.75 -9.45 24.59
N ARG C 19 -12.42 -9.34 25.76
CA ARG C 19 -12.82 -8.04 26.28
C ARG C 19 -11.68 -7.16 26.81
N CYS C 20 -11.91 -5.84 26.78
CA CYS C 20 -10.97 -4.88 27.32
C CYS C 20 -10.93 -5.06 28.84
N ILE C 21 -9.73 -5.15 29.41
CA ILE C 21 -9.54 -5.27 30.86
C ILE C 21 -8.80 -4.08 31.48
N GLY C 22 -8.47 -3.07 30.68
CA GLY C 22 -7.79 -1.90 31.19
C GLY C 22 -7.12 -1.07 30.14
N GLU C 23 -6.48 -0.01 30.57
CA GLU C 23 -5.77 0.89 29.67
C GLU C 23 -4.33 0.94 30.06
N GLY C 24 -3.48 0.95 29.06
CA GLY C 24 -2.05 1.09 29.25
C GLY C 24 -1.58 2.41 28.69
N GLN C 25 -0.28 2.69 28.81
CA GLN C 25 0.28 3.94 28.30
C GLN C 25 0.10 4.08 26.78
N PHE C 26 0.28 2.98 26.04
CA PHE C 26 0.18 2.99 24.59
C PHE C 26 -1.16 2.59 24.00
N GLY C 27 -2.06 2.08 24.82
CA GLY C 27 -3.38 1.64 24.34
C GLY C 27 -4.07 0.66 25.26
N ASP C 28 -5.28 0.24 24.88
CA ASP C 28 -6.08 -0.69 25.66
C ASP C 28 -5.42 -2.07 25.80
N VAL C 29 -5.67 -2.72 26.93
CA VAL C 29 -5.23 -4.07 27.19
C VAL C 29 -6.48 -4.95 27.20
N HIS C 30 -6.41 -6.10 26.55
CA HIS C 30 -7.53 -7.02 26.46
C HIS C 30 -7.17 -8.38 27.05
N GLN C 31 -8.15 -9.12 27.56
CA GLN C 31 -7.89 -10.52 27.90
C GLN C 31 -8.20 -11.35 26.61
N GLY C 32 -7.61 -12.52 26.51
CA GLY C 32 -7.82 -13.37 25.35
C GLY C 32 -7.26 -14.76 25.56
N ILE C 33 -7.13 -15.50 24.48
CA ILE C 33 -6.61 -16.85 24.50
C ILE C 33 -5.49 -16.97 23.49
N TYR C 34 -4.42 -17.66 23.88
CA TYR C 34 -3.32 -17.95 23.00
C TYR C 34 -3.34 -19.45 22.72
N MET C 35 -3.62 -19.82 21.44
CA MET C 35 -3.66 -21.20 21.00
C MET C 35 -2.21 -21.62 20.75
N SER C 36 -1.51 -21.99 21.82
N SER C 36 -1.51 -21.97 21.82
CA SER C 36 -0.10 -22.39 21.78
CA SER C 36 -0.11 -22.41 21.80
C SER C 36 0.11 -23.59 20.86
C SER C 36 0.11 -23.59 20.87
N PRO C 37 1.18 -23.56 20.05
CA PRO C 37 1.42 -24.66 19.09
C PRO C 37 1.50 -26.03 19.74
N GLU C 38 2.12 -26.09 20.91
CA GLU C 38 2.17 -27.32 21.67
C GLU C 38 1.47 -27.09 23.00
N ASN C 39 0.59 -28.03 23.38
CA ASN C 39 -0.11 -27.99 24.65
C ASN C 39 -1.35 -27.05 24.64
N PRO C 40 -2.16 -27.12 25.72
CA PRO C 40 -3.41 -26.36 25.80
C PRO C 40 -3.29 -24.84 25.64
N ALA C 41 -4.42 -24.27 25.24
CA ALA C 41 -4.61 -22.85 25.06
C ALA C 41 -4.42 -22.13 26.41
N LEU C 42 -3.74 -20.98 26.40
CA LEU C 42 -3.49 -20.22 27.62
C LEU C 42 -4.37 -18.98 27.66
N ALA C 43 -4.76 -18.58 28.86
CA ALA C 43 -5.47 -17.34 29.07
C ALA C 43 -4.36 -16.26 29.08
N VAL C 44 -4.53 -15.18 28.31
CA VAL C 44 -3.51 -14.15 28.18
C VAL C 44 -4.06 -12.73 28.27
N ALA C 45 -3.16 -11.77 28.47
CA ALA C 45 -3.42 -10.33 28.42
C ALA C 45 -2.72 -9.84 27.13
N ILE C 46 -3.44 -9.08 26.31
CA ILE C 46 -2.92 -8.57 25.04
C ILE C 46 -2.84 -7.06 25.12
N LYS C 47 -1.63 -6.54 25.18
CA LYS C 47 -1.41 -5.10 25.23
C LYS C 47 -1.40 -4.59 23.81
N THR C 48 -2.31 -3.65 23.50
CA THR C 48 -2.38 -3.04 22.17
C THR C 48 -1.70 -1.65 22.18
N CYS C 49 -1.41 -1.14 20.99
CA CYS C 49 -0.76 0.14 20.81
C CYS C 49 -1.52 0.93 19.74
N LYS C 50 -2.21 2.00 20.15
CA LYS C 50 -3.04 2.82 19.26
C LYS C 50 -2.24 3.55 18.16
N ASN C 51 -1.17 4.25 18.57
CA ASN C 51 -0.37 5.04 17.64
C ASN C 51 0.90 4.35 17.18
N CYS C 52 0.86 3.02 17.06
CA CYS C 52 2.04 2.29 16.61
C CYS C 52 2.19 2.31 15.07
N THR C 53 1.64 3.34 14.40
CA THR C 53 1.79 3.58 12.96
C THR C 53 3.16 4.23 12.64
N SER C 54 3.84 4.79 13.67
CA SER C 54 5.14 5.43 13.55
C SER C 54 6.19 4.52 14.16
N ASP C 55 7.38 4.47 13.56
CA ASP C 55 8.48 3.65 14.05
C ASP C 55 9.00 4.12 15.42
N SER C 56 8.77 5.38 15.78
CA SER C 56 9.21 5.92 17.06
C SER C 56 8.37 5.40 18.21
N VAL C 57 7.04 5.29 18.03
CA VAL C 57 6.15 4.80 19.07
C VAL C 57 6.32 3.28 19.25
N ARG C 58 6.47 2.55 18.13
CA ARG C 58 6.68 1.12 18.11
C ARG C 58 7.91 0.72 18.92
N GLU C 59 9.02 1.44 18.72
CA GLU C 59 10.27 1.12 19.42
C GLU C 59 10.12 1.27 20.93
N LYS C 60 9.39 2.30 21.38
CA LYS C 60 9.14 2.54 22.80
C LYS C 60 8.19 1.51 23.39
N PHE C 61 7.13 1.14 22.63
CA PHE C 61 6.15 0.15 23.07
C PHE C 61 6.82 -1.22 23.20
N LEU C 62 7.62 -1.62 22.20
CA LEU C 62 8.31 -2.90 22.21
C LEU C 62 9.45 -2.99 23.19
N GLN C 63 9.96 -1.86 23.68
CA GLN C 63 11.01 -1.86 24.71
C GLN C 63 10.44 -2.45 26.02
N GLU C 64 9.13 -2.33 26.27
CA GLU C 64 8.46 -2.91 27.44
C GLU C 64 8.60 -4.43 27.41
N ALA C 65 8.43 -5.03 26.22
CA ALA C 65 8.58 -6.47 26.01
C ALA C 65 10.04 -6.90 26.13
N LEU C 66 11.00 -6.11 25.58
CA LEU C 66 12.43 -6.39 25.71
C LEU C 66 12.84 -6.38 27.20
N THR C 67 12.26 -5.45 27.97
CA THR C 67 12.49 -5.34 29.41
C THR C 67 11.92 -6.56 30.12
N MET C 68 10.64 -6.92 29.87
CA MET C 68 10.02 -8.09 30.51
C MET C 68 10.67 -9.42 30.16
N ARG C 69 11.28 -9.51 28.98
CA ARG C 69 11.93 -10.73 28.48
C ARG C 69 13.05 -11.22 29.41
N GLN C 70 13.76 -10.26 29.99
CA GLN C 70 14.89 -10.36 30.91
C GLN C 70 14.50 -11.00 32.26
N PHE C 71 13.24 -10.87 32.68
CA PHE C 71 12.82 -11.35 33.99
C PHE C 71 12.17 -12.72 33.98
N ASP C 72 12.44 -13.50 35.03
CA ASP C 72 11.87 -14.82 35.22
C ASP C 72 11.69 -15.03 36.73
N HIS C 73 10.50 -14.74 37.23
CA HIS C 73 10.21 -14.86 38.64
C HIS C 73 8.74 -15.24 38.86
N PRO C 74 8.46 -16.11 39.83
CA PRO C 74 7.05 -16.52 40.08
C PRO C 74 6.08 -15.39 40.47
N HIS C 75 6.59 -14.22 40.91
CA HIS C 75 5.70 -13.14 41.32
C HIS C 75 5.85 -11.88 40.48
N ILE C 76 6.25 -12.06 39.21
CA ILE C 76 6.33 -11.01 38.19
C ILE C 76 5.60 -11.57 36.96
N VAL C 77 4.68 -10.79 36.35
CA VAL C 77 3.95 -11.22 35.16
C VAL C 77 4.92 -11.61 34.02
N LYS C 78 4.64 -12.73 33.38
CA LYS C 78 5.47 -13.29 32.33
C LYS C 78 5.08 -12.83 30.93
N LEU C 79 6.08 -12.47 30.11
CA LEU C 79 5.90 -12.15 28.71
C LEU C 79 5.77 -13.48 27.97
N ILE C 80 4.72 -13.65 27.17
CA ILE C 80 4.53 -14.85 26.34
C ILE C 80 5.24 -14.62 24.99
N GLY C 81 5.03 -13.46 24.40
CA GLY C 81 5.65 -13.09 23.13
C GLY C 81 5.11 -11.78 22.57
N VAL C 82 5.51 -11.43 21.32
CA VAL C 82 5.07 -10.20 20.66
C VAL C 82 4.67 -10.44 19.19
N ILE C 83 3.84 -9.55 18.65
CA ILE C 83 3.46 -9.55 17.25
C ILE C 83 3.99 -8.22 16.69
N THR C 84 5.08 -8.31 15.90
CA THR C 84 5.86 -7.20 15.35
C THR C 84 5.13 -6.45 14.23
N GLU C 85 4.41 -7.16 13.38
CA GLU C 85 3.65 -6.53 12.30
C GLU C 85 2.45 -5.75 12.86
N ASN C 86 1.98 -4.72 12.13
CA ASN C 86 0.87 -3.87 12.57
C ASN C 86 -0.48 -4.58 12.53
N PRO C 87 -1.31 -4.46 13.60
CA PRO C 87 -1.09 -3.69 14.83
C PRO C 87 -0.18 -4.43 15.83
N VAL C 88 0.83 -3.72 16.32
CA VAL C 88 1.80 -4.28 17.26
C VAL C 88 1.14 -4.69 18.58
N TRP C 89 1.30 -5.98 19.00
CA TRP C 89 0.73 -6.49 20.25
C TRP C 89 1.80 -7.12 21.13
N ILE C 90 1.63 -7.03 22.45
CA ILE C 90 2.49 -7.70 23.40
C ILE C 90 1.59 -8.70 24.14
N ILE C 91 1.96 -9.98 24.12
CA ILE C 91 1.19 -11.02 24.76
C ILE C 91 1.80 -11.36 26.12
N MET C 92 1.04 -11.20 27.18
CA MET C 92 1.48 -11.49 28.54
C MET C 92 0.62 -12.63 29.13
N GLU C 93 1.14 -13.35 30.12
CA GLU C 93 0.35 -14.39 30.82
C GLU C 93 -0.78 -13.66 31.54
N LEU C 94 -1.98 -14.25 31.60
CA LEU C 94 -3.09 -13.53 32.27
C LEU C 94 -3.19 -13.89 33.75
N CYS C 95 -3.29 -12.88 34.61
CA CYS C 95 -3.59 -13.13 36.05
C CYS C 95 -5.11 -13.09 36.07
N THR C 96 -5.73 -14.27 36.25
CA THR C 96 -7.19 -14.46 36.07
C THR C 96 -8.03 -13.58 37.01
N LEU C 97 -7.63 -13.43 38.26
CA LEU C 97 -8.47 -12.70 39.19
C LEU C 97 -8.35 -11.17 39.16
N GLY C 98 -7.51 -10.63 38.28
CA GLY C 98 -7.43 -9.19 38.08
C GLY C 98 -6.61 -8.36 39.03
N GLU C 99 -6.94 -7.08 39.08
CA GLU C 99 -6.25 -6.05 39.86
C GLU C 99 -6.38 -6.29 41.36
N LEU C 100 -5.26 -6.18 42.11
CA LEU C 100 -5.21 -6.39 43.56
C LEU C 100 -6.10 -5.46 44.37
N ARG C 101 -6.10 -4.16 44.05
CA ARG C 101 -6.91 -3.18 44.80
C ARG C 101 -8.39 -3.58 44.82
N SER C 102 -8.91 -3.91 43.64
CA SER C 102 -10.29 -4.30 43.45
C SER C 102 -10.61 -5.65 44.12
N PHE C 103 -9.66 -6.60 44.06
CA PHE C 103 -9.78 -7.90 44.69
C PHE C 103 -9.90 -7.75 46.21
N LEU C 104 -9.10 -6.88 46.81
CA LEU C 104 -9.15 -6.64 48.25
C LEU C 104 -10.44 -5.92 48.67
N GLN C 105 -10.91 -4.96 47.87
CA GLN C 105 -12.13 -4.23 48.19
C GLN C 105 -13.36 -5.15 48.19
N VAL C 106 -13.47 -6.00 47.18
CA VAL C 106 -14.57 -6.97 47.05
C VAL C 106 -14.51 -8.02 48.17
N ARG C 107 -13.30 -8.39 48.58
CA ARG C 107 -13.09 -9.36 49.66
C ARG C 107 -12.69 -8.69 50.98
N LYS C 108 -13.20 -7.46 51.27
CA LYS C 108 -12.96 -6.71 52.51
C LYS C 108 -13.18 -7.58 53.76
N TYR C 109 -14.21 -8.41 53.71
CA TYR C 109 -14.59 -9.29 54.80
C TYR C 109 -14.18 -10.77 54.54
N SER C 110 -14.05 -11.20 53.29
CA SER C 110 -13.70 -12.59 52.98
C SER C 110 -12.20 -12.91 52.77
N LEU C 111 -11.28 -12.12 53.40
CA LEU C 111 -9.83 -12.37 53.31
C LEU C 111 -9.19 -12.21 54.68
N ASP C 112 -8.50 -13.23 55.20
CA ASP C 112 -7.85 -13.13 56.51
C ASP C 112 -6.46 -12.44 56.45
N LEU C 113 -5.93 -12.07 57.64
CA LEU C 113 -4.66 -11.38 57.83
C LEU C 113 -3.49 -12.14 57.24
N ALA C 114 -3.46 -13.47 57.40
CA ALA C 114 -2.39 -14.30 56.83
C ALA C 114 -2.30 -14.13 55.31
N SER C 115 -3.45 -13.98 54.61
CA SER C 115 -3.44 -13.77 53.16
C SER C 115 -2.83 -12.42 52.81
N LEU C 116 -3.14 -11.38 53.62
CA LEU C 116 -2.64 -10.02 53.40
C LEU C 116 -1.13 -9.98 53.56
N ILE C 117 -0.60 -10.63 54.62
CA ILE C 117 0.84 -10.72 54.85
C ILE C 117 1.50 -11.55 53.74
N LEU C 118 0.85 -12.62 53.29
CA LEU C 118 1.37 -13.43 52.20
C LEU C 118 1.55 -12.60 50.92
N TYR C 119 0.57 -11.74 50.56
CA TYR C 119 0.69 -10.91 49.38
C TYR C 119 1.87 -9.95 49.49
N ALA C 120 2.07 -9.32 50.66
CA ALA C 120 3.19 -8.41 50.90
C ALA C 120 4.49 -9.18 50.80
N TYR C 121 4.56 -10.38 51.39
CA TYR C 121 5.75 -11.23 51.33
C TYR C 121 6.10 -11.58 49.88
N GLN C 122 5.11 -12.03 49.10
CA GLN C 122 5.32 -12.40 47.70
C GLN C 122 5.85 -11.23 46.88
N LEU C 123 5.30 -10.04 47.11
CA LEU C 123 5.76 -8.85 46.42
C LEU C 123 7.19 -8.49 46.82
N SER C 124 7.56 -8.69 48.09
CA SER C 124 8.93 -8.42 48.53
C SER C 124 9.94 -9.36 47.82
N THR C 125 9.56 -10.60 47.49
CA THR C 125 10.44 -11.52 46.78
C THR C 125 10.64 -11.07 45.34
N ALA C 126 9.57 -10.57 44.70
CA ALA C 126 9.67 -10.07 43.32
C ALA C 126 10.58 -8.82 43.28
N LEU C 127 10.46 -7.95 44.28
CA LEU C 127 11.22 -6.72 44.36
C LEU C 127 12.67 -6.97 44.77
N ALA C 128 12.92 -8.02 45.58
CA ALA C 128 14.29 -8.43 45.93
C ALA C 128 14.97 -9.00 44.67
N TYR C 129 14.21 -9.74 43.85
CA TYR C 129 14.70 -10.27 42.60
C TYR C 129 15.04 -9.10 41.65
N LEU C 130 14.18 -8.07 41.55
CA LEU C 130 14.44 -6.92 40.68
C LEU C 130 15.67 -6.14 41.15
N GLU C 131 15.86 -6.02 42.47
CA GLU C 131 16.99 -5.34 43.10
C GLU C 131 18.32 -6.04 42.76
N SER C 132 18.29 -7.39 42.65
CA SER C 132 19.44 -8.20 42.27
C SER C 132 19.85 -7.87 40.83
N LYS C 133 18.85 -7.69 39.96
CA LYS C 133 19.07 -7.36 38.55
C LYS C 133 19.29 -5.84 38.33
N ARG C 134 19.48 -5.06 39.42
CA ARG C 134 19.68 -3.61 39.42
C ARG C 134 18.55 -2.88 38.69
N PHE C 135 17.31 -3.34 38.87
CA PHE C 135 16.17 -2.73 38.18
C PHE C 135 15.31 -1.89 39.13
N VAL C 136 15.05 -0.62 38.78
CA VAL C 136 14.22 0.26 39.60
C VAL C 136 12.82 0.33 38.96
N HIS C 137 11.79 -0.17 39.65
CA HIS C 137 10.42 -0.24 39.16
C HIS C 137 9.76 1.13 38.96
N ARG C 138 9.81 2.01 39.98
CA ARG C 138 9.29 3.40 39.97
C ARG C 138 7.79 3.54 40.12
N ASP C 139 7.02 2.44 40.17
CA ASP C 139 5.58 2.57 40.27
C ASP C 139 4.95 1.44 41.07
N ILE C 140 5.49 1.16 42.26
CA ILE C 140 4.95 0.13 43.13
C ILE C 140 3.72 0.70 43.86
N ALA C 141 2.57 0.11 43.60
CA ALA C 141 1.27 0.48 44.14
C ALA C 141 0.33 -0.70 43.94
N ALA C 142 -0.69 -0.86 44.80
CA ALA C 142 -1.61 -1.99 44.67
C ALA C 142 -2.37 -2.04 43.33
N ARG C 143 -2.55 -0.88 42.65
CA ARG C 143 -3.22 -0.86 41.34
C ARG C 143 -2.38 -1.57 40.26
N ASN C 144 -1.06 -1.72 40.49
CA ASN C 144 -0.14 -2.40 39.57
C ASN C 144 0.24 -3.81 40.02
N VAL C 145 -0.54 -4.39 40.91
CA VAL C 145 -0.37 -5.76 41.36
C VAL C 145 -1.57 -6.52 40.85
N LEU C 146 -1.33 -7.71 40.30
CA LEU C 146 -2.36 -8.55 39.73
C LEU C 146 -2.48 -9.83 40.54
N VAL C 147 -3.64 -10.45 40.50
CA VAL C 147 -3.95 -11.63 41.29
C VAL C 147 -4.09 -12.84 40.35
N SER C 148 -3.18 -13.81 40.49
CA SER C 148 -3.20 -15.04 39.67
C SER C 148 -4.16 -16.05 40.24
N SER C 149 -4.22 -16.14 41.57
CA SER C 149 -5.07 -17.03 42.33
C SER C 149 -5.23 -16.44 43.74
N ASN C 150 -6.06 -17.06 44.59
CA ASN C 150 -6.25 -16.58 45.97
C ASN C 150 -4.96 -16.55 46.79
N ASP C 151 -3.98 -17.39 46.44
N ASP C 151 -3.98 -17.39 46.44
CA ASP C 151 -2.72 -17.45 47.17
CA ASP C 151 -2.73 -17.47 47.17
C ASP C 151 -1.52 -16.99 46.34
C ASP C 151 -1.52 -17.02 46.33
N CYS C 152 -1.74 -16.17 45.31
CA CYS C 152 -0.67 -15.71 44.45
C CYS C 152 -0.92 -14.35 43.81
N VAL C 153 0.01 -13.44 44.06
CA VAL C 153 -0.02 -12.11 43.44
C VAL C 153 1.24 -11.91 42.61
N LYS C 154 1.16 -11.03 41.62
CA LYS C 154 2.30 -10.73 40.78
C LYS C 154 2.38 -9.25 40.47
N LEU C 155 3.59 -8.74 40.37
CA LEU C 155 3.85 -7.38 39.99
C LEU C 155 3.63 -7.27 38.50
N GLY C 156 3.00 -6.17 38.09
CA GLY C 156 2.75 -5.85 36.68
C GLY C 156 3.86 -5.04 36.04
N ASP C 157 3.58 -3.77 35.63
CA ASP C 157 4.49 -2.81 34.95
C ASP C 157 5.99 -3.02 35.21
N LEU C 177 1.30 11.41 37.90
CA LEU C 177 2.31 11.05 38.92
C LEU C 177 1.68 10.51 40.18
N PRO C 178 2.18 9.36 40.66
CA PRO C 178 1.64 8.80 41.90
C PRO C 178 2.29 9.43 43.14
N ILE C 179 2.08 10.72 43.33
CA ILE C 179 2.64 11.51 44.44
C ILE C 179 2.46 10.87 45.81
N LYS C 180 1.24 10.36 46.09
CA LYS C 180 0.89 9.75 47.37
C LYS C 180 1.66 8.47 47.69
N TRP C 181 2.34 7.86 46.69
CA TRP C 181 3.16 6.67 46.84
C TRP C 181 4.67 6.96 46.78
N MET C 182 5.05 8.12 46.28
CA MET C 182 6.44 8.47 46.02
C MET C 182 7.28 8.91 47.22
N ALA C 183 8.55 8.50 47.19
CA ALA C 183 9.53 8.90 48.20
C ALA C 183 9.80 10.40 48.06
N PRO C 184 10.17 11.09 49.15
CA PRO C 184 10.41 12.54 49.06
C PRO C 184 11.44 12.95 48.02
N GLU C 185 12.56 12.21 47.89
CA GLU C 185 13.57 12.53 46.88
C GLU C 185 13.05 12.33 45.44
N SER C 186 12.03 11.48 45.26
CA SER C 186 11.41 11.29 43.94
C SER C 186 10.50 12.46 43.59
N ILE C 187 9.82 13.04 44.57
CA ILE C 187 8.92 14.17 44.35
C ILE C 187 9.73 15.45 44.16
N ASN C 188 10.71 15.67 45.02
CA ASN C 188 11.51 16.88 45.00
C ASN C 188 12.57 16.93 43.91
N PHE C 189 13.21 15.79 43.61
CA PHE C 189 14.33 15.81 42.65
C PHE C 189 14.24 14.81 41.51
N ARG C 190 13.12 14.08 41.39
CA ARG C 190 12.95 13.03 40.40
C ARG C 190 14.01 11.91 40.52
N ARG C 191 14.50 11.66 41.74
CA ARG C 191 15.47 10.60 41.96
C ARG C 191 14.74 9.30 42.19
N PHE C 192 15.05 8.30 41.39
CA PHE C 192 14.45 6.99 41.49
C PHE C 192 15.56 5.97 41.66
N THR C 193 15.62 5.39 42.86
CA THR C 193 16.62 4.38 43.22
C THR C 193 15.91 3.13 43.81
N SER C 194 16.68 2.08 44.17
CA SER C 194 16.12 0.92 44.87
C SER C 194 15.53 1.34 46.23
N ALA C 195 16.06 2.41 46.86
CA ALA C 195 15.56 2.92 48.14
C ALA C 195 14.22 3.64 47.98
N SER C 196 14.01 4.34 46.85
CA SER C 196 12.72 4.99 46.62
C SER C 196 11.63 3.93 46.32
N ASP C 197 12.01 2.79 45.71
CA ASP C 197 11.09 1.67 45.49
C ASP C 197 10.65 1.09 46.85
N VAL C 198 11.56 1.05 47.86
CA VAL C 198 11.28 0.56 49.21
C VAL C 198 10.21 1.44 49.86
N TRP C 199 10.30 2.77 49.68
CA TRP C 199 9.30 3.70 50.21
C TRP C 199 7.93 3.36 49.62
N MET C 200 7.86 3.21 48.28
CA MET C 200 6.66 2.88 47.53
C MET C 200 6.08 1.55 47.98
N PHE C 201 6.94 0.53 48.20
CA PHE C 201 6.55 -0.79 48.70
C PHE C 201 5.90 -0.67 50.09
N GLY C 202 6.41 0.23 50.95
CA GLY C 202 5.80 0.49 52.25
C GLY C 202 4.37 0.99 52.10
N VAL C 203 4.13 1.90 51.15
CA VAL C 203 2.77 2.41 50.87
C VAL C 203 1.89 1.26 50.31
N CYS C 204 2.43 0.43 49.42
CA CYS C 204 1.72 -0.71 48.85
C CYS C 204 1.31 -1.70 49.97
N MET C 205 2.20 -1.98 50.94
CA MET C 205 1.89 -2.83 52.10
C MET C 205 0.75 -2.23 52.93
N TRP C 206 0.77 -0.90 53.12
CA TRP C 206 -0.30 -0.20 53.84
C TRP C 206 -1.62 -0.38 53.09
N GLU C 207 -1.64 -0.20 51.75
CA GLU C 207 -2.83 -0.40 50.91
C GLU C 207 -3.39 -1.81 51.08
N ILE C 208 -2.51 -2.83 51.08
CA ILE C 208 -2.93 -4.23 51.25
C ILE C 208 -3.59 -4.43 52.60
N LEU C 209 -2.92 -3.97 53.67
CA LEU C 209 -3.43 -4.08 55.04
C LEU C 209 -4.75 -3.27 55.24
N MET C 210 -4.98 -2.25 54.42
CA MET C 210 -6.19 -1.44 54.41
C MET C 210 -7.28 -1.98 53.47
N HIS C 211 -7.11 -3.18 52.90
CA HIS C 211 -8.05 -3.79 51.96
C HIS C 211 -8.28 -2.93 50.72
N GLY C 212 -7.21 -2.35 50.18
CA GLY C 212 -7.29 -1.58 48.96
C GLY C 212 -7.78 -0.15 49.06
N VAL C 213 -7.73 0.44 50.23
CA VAL C 213 -8.09 1.84 50.39
C VAL C 213 -6.87 2.67 49.92
N LYS C 214 -7.10 3.78 49.22
CA LYS C 214 -6.01 4.63 48.73
C LYS C 214 -5.37 5.44 49.87
N PRO C 215 -4.05 5.65 49.80
CA PRO C 215 -3.38 6.47 50.82
C PRO C 215 -3.76 7.94 50.69
N PHE C 216 -3.76 8.67 51.81
CA PHE C 216 -4.04 10.10 51.86
C PHE C 216 -5.33 10.53 51.15
N GLN C 217 -6.43 9.82 51.38
CA GLN C 217 -7.71 10.18 50.76
C GLN C 217 -8.15 11.57 51.23
N GLY C 218 -8.66 12.37 50.29
CA GLY C 218 -9.12 13.71 50.61
C GLY C 218 -8.04 14.76 50.78
N VAL C 219 -6.77 14.39 50.56
CA VAL C 219 -5.65 15.32 50.67
C VAL C 219 -5.18 15.65 49.23
N LYS C 220 -4.99 16.93 48.92
CA LYS C 220 -4.49 17.31 47.59
C LYS C 220 -3.04 16.86 47.45
N ASN C 221 -2.63 16.52 46.21
CA ASN C 221 -1.27 16.08 45.92
C ASN C 221 -0.22 17.08 46.37
N ASN C 222 -0.39 18.37 46.05
CA ASN C 222 0.57 19.42 46.40
C ASN C 222 0.79 19.55 47.91
N ASP C 223 -0.21 19.14 48.72
CA ASP C 223 -0.11 19.19 50.17
C ASP C 223 0.58 17.96 50.78
N VAL C 224 0.81 16.89 50.00
CA VAL C 224 1.41 15.65 50.51
C VAL C 224 2.85 15.83 50.94
N ILE C 225 3.71 16.45 50.08
CA ILE C 225 5.12 16.63 50.44
C ILE C 225 5.27 17.49 51.71
N GLY C 226 4.37 18.44 51.93
CA GLY C 226 4.39 19.30 53.12
C GLY C 226 4.15 18.55 54.42
N ARG C 227 3.19 17.61 54.40
CA ARG C 227 2.87 16.74 55.54
C ARG C 227 4.00 15.76 55.78
N ILE C 228 4.53 15.16 54.69
CA ILE C 228 5.62 14.20 54.77
C ILE C 228 6.87 14.85 55.33
N GLU C 229 7.22 16.04 54.86
CA GLU C 229 8.39 16.78 55.37
C GLU C 229 8.26 17.26 56.80
N ASN C 230 7.01 17.35 57.30
CA ASN C 230 6.74 17.63 58.70
C ASN C 230 6.67 16.32 59.55
N GLY C 231 7.06 15.18 58.95
CA GLY C 231 7.14 13.88 59.62
C GLY C 231 5.87 13.07 59.61
N GLU C 232 4.81 13.55 58.96
CA GLU C 232 3.54 12.82 58.92
C GLU C 232 3.65 11.54 58.09
N ARG C 233 3.03 10.47 58.59
CA ARG C 233 3.02 9.16 57.94
C ARG C 233 1.61 8.56 57.97
N LEU C 234 1.34 7.58 57.08
CA LEU C 234 0.08 6.85 57.02
C LEU C 234 -0.09 6.10 58.34
N PRO C 235 -1.32 6.09 58.90
CA PRO C 235 -1.52 5.50 60.21
C PRO C 235 -1.56 3.99 60.21
N MET C 236 -1.41 3.37 61.40
CA MET C 236 -1.45 1.92 61.51
C MET C 236 -2.81 1.40 61.12
N PRO C 237 -2.86 0.55 60.07
CA PRO C 237 -4.14 -0.02 59.66
C PRO C 237 -4.75 -0.85 60.78
N PRO C 238 -6.08 -0.82 60.94
CA PRO C 238 -6.73 -1.67 61.96
C PRO C 238 -6.34 -3.16 61.77
N ASN C 239 -6.00 -3.85 62.86
CA ASN C 239 -5.60 -5.26 62.83
C ASN C 239 -4.22 -5.52 62.22
N CYS C 240 -3.46 -4.46 61.90
CA CYS C 240 -2.10 -4.67 61.40
C CYS C 240 -1.23 -5.00 62.61
N PRO C 241 -0.46 -6.10 62.56
CA PRO C 241 0.44 -6.40 63.69
C PRO C 241 1.44 -5.26 63.90
N PRO C 242 1.69 -4.81 65.14
CA PRO C 242 2.65 -3.71 65.35
C PRO C 242 4.03 -3.94 64.74
N THR C 243 4.44 -5.20 64.68
CA THR C 243 5.76 -5.58 64.10
C THR C 243 5.78 -5.22 62.60
N LEU C 244 4.64 -5.42 61.93
CA LEU C 244 4.49 -5.12 60.51
C LEU C 244 4.42 -3.61 60.27
N TYR C 245 3.73 -2.88 61.16
CA TYR C 245 3.66 -1.42 61.06
C TYR C 245 5.03 -0.78 61.29
N SER C 246 5.83 -1.35 62.18
CA SER C 246 7.19 -0.84 62.44
C SER C 246 8.04 -0.99 61.18
N LEU C 247 7.90 -2.11 60.47
CA LEU C 247 8.61 -2.35 59.22
C LEU C 247 8.16 -1.35 58.15
N MET C 248 6.86 -1.03 58.10
CA MET C 248 6.32 -0.03 57.18
C MET C 248 6.98 1.34 57.45
N THR C 249 7.04 1.78 58.74
CA THR C 249 7.62 3.07 59.12
C THR C 249 9.11 3.15 58.80
N LYS C 250 9.84 2.02 58.81
CA LYS C 250 11.25 1.98 58.41
C LYS C 250 11.38 2.21 56.89
N CYS C 251 10.41 1.69 56.08
CA CYS C 251 10.39 1.94 54.63
C CYS C 251 10.22 3.46 54.36
N TRP C 252 9.56 4.18 55.30
CA TRP C 252 9.29 5.59 55.18
C TRP C 252 10.28 6.49 55.92
N ALA C 253 11.53 6.04 56.06
CA ALA C 253 12.57 6.88 56.65
C ALA C 253 12.84 8.01 55.62
N TYR C 254 12.88 9.28 56.06
CA TYR C 254 13.13 10.38 55.14
C TYR C 254 14.47 10.21 54.40
N ASP C 255 15.51 9.81 55.14
CA ASP C 255 16.83 9.57 54.54
C ASP C 255 16.79 8.20 53.86
N PRO C 256 17.01 8.15 52.54
CA PRO C 256 16.96 6.85 51.84
C PRO C 256 17.95 5.82 52.35
N SER C 257 19.11 6.27 52.90
CA SER C 257 20.14 5.38 53.44
C SER C 257 19.66 4.59 54.66
N ARG C 258 18.66 5.11 55.38
CA ARG C 258 18.12 4.45 56.56
C ARG C 258 16.99 3.47 56.27
N ARG C 259 16.53 3.36 55.01
CA ARG C 259 15.49 2.41 54.65
C ARG C 259 16.09 1.01 54.50
N PRO C 260 15.35 -0.04 54.88
CA PRO C 260 15.87 -1.40 54.68
C PRO C 260 15.95 -1.79 53.20
N ARG C 261 16.70 -2.84 52.90
CA ARG C 261 16.79 -3.36 51.53
C ARG C 261 15.72 -4.47 51.36
N PHE C 262 15.47 -4.92 50.11
CA PHE C 262 14.45 -5.95 49.90
C PHE C 262 14.80 -7.30 50.50
N THR C 263 16.10 -7.66 50.58
CA THR C 263 16.49 -8.93 51.19
C THR C 263 16.11 -8.96 52.68
N GLU C 264 16.20 -7.81 53.36
CA GLU C 264 15.84 -7.68 54.77
C GLU C 264 14.33 -7.67 54.94
N LEU C 265 13.60 -6.95 54.07
CA LEU C 265 12.14 -6.86 54.10
C LEU C 265 11.54 -8.25 53.90
N LYS C 266 12.08 -9.04 52.96
CA LYS C 266 11.67 -10.41 52.67
C LYS C 266 11.82 -11.31 53.90
N ALA C 267 13.00 -11.29 54.56
CA ALA C 267 13.25 -12.10 55.75
C ALA C 267 12.34 -11.71 56.91
N GLN C 268 12.12 -10.43 57.13
CA GLN C 268 11.27 -9.96 58.23
C GLN C 268 9.79 -10.21 57.96
N LEU C 269 9.34 -10.08 56.71
CA LEU C 269 7.96 -10.39 56.33
C LEU C 269 7.67 -11.89 56.47
N SER C 270 8.69 -12.74 56.23
CA SER C 270 8.56 -14.20 56.39
C SER C 270 8.33 -14.53 57.86
N THR C 271 9.04 -13.85 58.78
CA THR C 271 8.91 -14.06 60.22
C THR C 271 7.50 -13.64 60.66
N ILE C 272 7.06 -12.45 60.22
CA ILE C 272 5.74 -11.92 60.53
C ILE C 272 4.62 -12.85 60.01
N LEU C 273 4.79 -13.41 58.81
CA LEU C 273 3.83 -14.34 58.22
C LEU C 273 3.75 -15.64 59.02
N GLU C 274 4.90 -16.21 59.39
CA GLU C 274 4.91 -17.45 60.17
C GLU C 274 4.36 -17.26 61.58
N GLU C 275 4.59 -16.09 62.20
CA GLU C 275 4.01 -15.81 63.52
C GLU C 275 2.48 -15.73 63.45
N GLU C 276 1.96 -15.18 62.33
CA GLU C 276 0.52 -15.05 62.10
C GLU C 276 -0.12 -16.39 61.77
N LYS C 277 0.57 -17.23 60.99
CA LYS C 277 0.07 -18.56 60.64
C LYS C 277 0.03 -19.50 61.84
N ALA C 278 1.00 -19.36 62.76
CA ALA C 278 1.01 -20.16 63.99
C ALA C 278 -0.02 -19.65 65.05
N GLN C 279 -0.88 -18.67 64.67
CA GLN C 279 -1.92 -18.02 65.46
C GLN C 279 -1.41 -17.45 66.77
N THR D 5 -34.25 -13.47 -23.00
CA THR D 5 -32.84 -13.71 -22.67
C THR D 5 -31.85 -13.27 -23.76
N ARG D 6 -32.35 -13.01 -24.99
CA ARG D 6 -31.59 -12.64 -26.19
C ARG D 6 -30.52 -11.55 -26.00
N ASP D 7 -30.82 -10.51 -25.23
CA ASP D 7 -29.91 -9.39 -25.02
C ASP D 7 -28.66 -9.75 -24.22
N TYR D 8 -28.69 -10.85 -23.43
CA TYR D 8 -27.51 -11.20 -22.65
C TYR D 8 -27.10 -12.66 -22.79
N GLU D 9 -27.40 -13.27 -23.95
CA GLU D 9 -26.98 -14.62 -24.21
C GLU D 9 -25.49 -14.58 -24.54
N ILE D 10 -24.73 -15.50 -23.95
CA ILE D 10 -23.29 -15.62 -24.13
C ILE D 10 -22.97 -16.97 -24.84
N GLN D 11 -22.02 -17.04 -25.82
CA GLN D 11 -21.70 -18.33 -26.45
C GLN D 11 -20.73 -19.08 -25.54
N ARG D 12 -20.97 -20.38 -25.33
CA ARG D 12 -20.18 -21.17 -24.38
C ARG D 12 -18.69 -21.19 -24.66
N GLU D 13 -18.29 -21.15 -25.94
CA GLU D 13 -16.88 -21.11 -26.32
C GLU D 13 -16.15 -19.87 -25.78
N ARG D 14 -16.89 -18.80 -25.38
CA ARG D 14 -16.28 -17.61 -24.76
C ARG D 14 -16.04 -17.81 -23.23
N ILE D 15 -16.40 -18.94 -22.65
CA ILE D 15 -16.26 -19.21 -21.22
C ILE D 15 -15.33 -20.37 -20.98
N GLU D 16 -14.37 -20.20 -20.08
CA GLU D 16 -13.48 -21.27 -19.71
C GLU D 16 -13.90 -21.63 -18.27
N LEU D 17 -14.45 -22.83 -18.08
CA LEU D 17 -14.87 -23.28 -16.76
C LEU D 17 -13.66 -23.64 -15.90
N GLY D 18 -13.63 -23.10 -14.68
CA GLY D 18 -12.56 -23.33 -13.73
C GLY D 18 -13.01 -24.18 -12.55
N ARG D 19 -12.39 -23.99 -11.39
CA ARG D 19 -12.70 -24.80 -10.20
C ARG D 19 -14.04 -24.47 -9.53
N CYS D 20 -14.58 -25.46 -8.82
CA CYS D 20 -15.80 -25.29 -8.06
C CYS D 20 -15.51 -24.36 -6.90
N ILE D 21 -16.41 -23.39 -6.67
CA ILE D 21 -16.28 -22.46 -5.54
C ILE D 21 -17.48 -22.53 -4.58
N GLY D 22 -18.44 -23.41 -4.82
CA GLY D 22 -19.60 -23.54 -3.95
C GLY D 22 -20.76 -24.29 -4.55
N GLU D 23 -21.84 -24.39 -3.79
CA GLU D 23 -23.04 -25.09 -4.24
C GLU D 23 -24.22 -24.14 -4.19
N GLY D 24 -25.06 -24.24 -5.19
CA GLY D 24 -26.31 -23.51 -5.27
C GLY D 24 -27.48 -24.47 -5.20
N GLN D 25 -28.71 -23.96 -5.22
CA GLN D 25 -29.90 -24.80 -5.19
C GLN D 25 -29.98 -25.74 -6.37
N PHE D 26 -29.60 -25.26 -7.57
CA PHE D 26 -29.70 -26.04 -8.80
C PHE D 26 -28.43 -26.78 -9.20
N GLY D 27 -27.32 -26.48 -8.58
CA GLY D 27 -26.05 -27.12 -8.91
C GLY D 27 -24.85 -26.34 -8.44
N ASP D 28 -23.67 -26.88 -8.74
CA ASP D 28 -22.41 -26.29 -8.33
C ASP D 28 -22.17 -24.96 -9.02
N VAL D 29 -21.44 -24.10 -8.35
CA VAL D 29 -21.01 -22.82 -8.88
C VAL D 29 -19.49 -22.93 -9.04
N HIS D 30 -18.99 -22.51 -10.18
CA HIS D 30 -17.56 -22.54 -10.47
C HIS D 30 -17.06 -21.13 -10.72
N GLN D 31 -15.76 -20.91 -10.58
CA GLN D 31 -15.18 -19.68 -11.05
C GLN D 31 -14.67 -19.99 -12.49
N GLY D 32 -14.50 -18.97 -13.29
CA GLY D 32 -14.04 -19.16 -14.67
C GLY D 32 -13.59 -17.87 -15.29
N ILE D 33 -13.40 -17.89 -16.60
CA ILE D 33 -12.96 -16.72 -17.33
C ILE D 33 -13.89 -16.47 -18.49
N TYR D 34 -14.27 -15.23 -18.70
CA TYR D 34 -15.11 -14.82 -19.81
C TYR D 34 -14.22 -14.03 -20.80
N MET D 35 -14.02 -14.62 -21.97
CA MET D 35 -13.27 -14.00 -23.04
C MET D 35 -14.25 -13.08 -23.76
N SER D 36 -14.45 -11.89 -23.20
CA SER D 36 -15.35 -10.87 -23.72
C SER D 36 -14.84 -10.41 -25.08
N PRO D 37 -15.71 -10.31 -26.09
CA PRO D 37 -15.23 -9.90 -27.43
C PRO D 37 -14.65 -8.48 -27.43
N GLU D 38 -13.39 -8.35 -27.91
CA GLU D 38 -12.61 -7.10 -27.98
C GLU D 38 -12.39 -6.43 -26.62
N ASN D 39 -12.33 -7.22 -25.54
CA ASN D 39 -12.15 -6.69 -24.17
C ASN D 39 -11.23 -7.61 -23.34
N PRO D 40 -10.61 -7.12 -22.24
CA PRO D 40 -9.79 -8.03 -21.42
C PRO D 40 -10.64 -9.15 -20.82
N ALA D 41 -10.04 -10.35 -20.66
CA ALA D 41 -10.77 -11.49 -20.12
C ALA D 41 -11.13 -11.21 -18.65
N LEU D 42 -12.37 -11.50 -18.27
CA LEU D 42 -12.86 -11.24 -16.92
C LEU D 42 -12.93 -12.49 -16.13
N ALA D 43 -12.69 -12.40 -14.83
CA ALA D 43 -12.90 -13.50 -13.91
C ALA D 43 -14.42 -13.46 -13.60
N VAL D 44 -15.09 -14.61 -13.72
CA VAL D 44 -16.53 -14.71 -13.52
C VAL D 44 -16.91 -15.89 -12.63
N ALA D 45 -18.15 -15.87 -12.14
CA ALA D 45 -18.72 -16.96 -11.37
C ALA D 45 -19.73 -17.59 -12.32
N ILE D 46 -19.72 -18.92 -12.42
CA ILE D 46 -20.58 -19.67 -13.33
C ILE D 46 -21.51 -20.61 -12.55
N LYS D 47 -22.80 -20.27 -12.51
CA LYS D 47 -23.78 -21.10 -11.84
C LYS D 47 -24.25 -22.18 -12.77
N THR D 48 -24.09 -23.45 -12.39
CA THR D 48 -24.52 -24.58 -13.22
C THR D 48 -25.85 -25.16 -12.69
N CYS D 49 -26.50 -25.98 -13.50
CA CYS D 49 -27.77 -26.61 -13.18
C CYS D 49 -27.68 -28.10 -13.53
N LYS D 50 -27.67 -28.95 -12.52
CA LYS D 50 -27.55 -30.40 -12.70
C LYS D 50 -28.72 -31.06 -13.44
N ASN D 51 -29.96 -30.76 -13.03
CA ASN D 51 -31.16 -31.37 -13.61
C ASN D 51 -31.89 -30.47 -14.59
N CYS D 52 -31.15 -29.62 -15.33
CA CYS D 52 -31.82 -28.70 -16.26
C CYS D 52 -32.27 -29.34 -17.58
N THR D 53 -32.10 -30.67 -17.72
CA THR D 53 -32.66 -31.40 -18.86
C THR D 53 -34.22 -31.33 -18.78
N SER D 54 -34.78 -31.19 -17.56
CA SER D 54 -36.19 -31.00 -17.28
C SER D 54 -36.54 -29.53 -17.59
N ASP D 55 -37.54 -29.31 -18.47
CA ASP D 55 -38.02 -27.97 -18.86
C ASP D 55 -38.54 -27.16 -17.64
N SER D 56 -39.06 -27.86 -16.63
CA SER D 56 -39.58 -27.25 -15.42
C SER D 56 -38.45 -26.70 -14.54
N VAL D 57 -37.35 -27.44 -14.41
CA VAL D 57 -36.20 -27.03 -13.64
C VAL D 57 -35.48 -25.86 -14.34
N ARG D 58 -35.35 -25.97 -15.66
CA ARG D 58 -34.70 -24.97 -16.50
C ARG D 58 -35.35 -23.59 -16.38
N GLU D 59 -36.68 -23.54 -16.35
CA GLU D 59 -37.42 -22.28 -16.26
C GLU D 59 -37.25 -21.61 -14.89
N LYS D 60 -37.22 -22.41 -13.84
CA LYS D 60 -37.05 -21.93 -12.47
C LYS D 60 -35.62 -21.40 -12.25
N PHE D 61 -34.62 -22.02 -12.91
CA PHE D 61 -33.21 -21.65 -12.81
C PHE D 61 -32.98 -20.32 -13.51
N LEU D 62 -33.56 -20.15 -14.70
CA LEU D 62 -33.42 -18.90 -15.44
C LEU D 62 -34.16 -17.72 -14.80
N GLN D 63 -35.12 -17.99 -13.91
CA GLN D 63 -35.79 -16.94 -13.14
C GLN D 63 -34.83 -16.31 -12.12
N GLU D 64 -33.77 -17.03 -11.70
CA GLU D 64 -32.77 -16.47 -10.79
C GLU D 64 -31.97 -15.36 -11.50
N ALA D 65 -31.76 -15.50 -12.82
CA ALA D 65 -31.07 -14.53 -13.64
C ALA D 65 -31.97 -13.33 -13.86
N LEU D 66 -33.27 -13.55 -14.15
CA LEU D 66 -34.23 -12.47 -14.33
C LEU D 66 -34.34 -11.64 -13.06
N THR D 67 -34.29 -12.28 -11.88
CA THR D 67 -34.33 -11.56 -10.61
C THR D 67 -33.11 -10.64 -10.46
N MET D 68 -31.90 -11.18 -10.69
CA MET D 68 -30.68 -10.37 -10.59
C MET D 68 -30.60 -9.27 -11.62
N ARG D 69 -31.23 -9.47 -12.79
CA ARG D 69 -31.22 -8.51 -13.88
C ARG D 69 -31.86 -7.16 -13.47
N GLN D 70 -32.85 -7.19 -12.55
CA GLN D 70 -33.55 -5.99 -12.09
C GLN D 70 -32.73 -5.10 -11.13
N PHE D 71 -31.58 -5.61 -10.61
CA PHE D 71 -30.77 -4.81 -9.71
C PHE D 71 -29.53 -4.25 -10.40
N ASP D 72 -29.16 -3.04 -10.07
CA ASP D 72 -27.97 -2.41 -10.64
C ASP D 72 -27.37 -1.52 -9.57
N HIS D 73 -26.39 -2.08 -8.84
CA HIS D 73 -25.74 -1.35 -7.76
C HIS D 73 -24.28 -1.81 -7.58
N PRO D 74 -23.33 -0.90 -7.29
CA PRO D 74 -21.92 -1.32 -7.11
C PRO D 74 -21.65 -2.33 -6.00
N HIS D 75 -22.57 -2.46 -5.02
CA HIS D 75 -22.34 -3.38 -3.90
C HIS D 75 -23.37 -4.51 -3.88
N ILE D 76 -23.86 -4.93 -5.06
CA ILE D 76 -24.71 -6.08 -5.27
C ILE D 76 -24.11 -6.83 -6.47
N VAL D 77 -23.87 -8.16 -6.36
CA VAL D 77 -23.29 -8.93 -7.48
C VAL D 77 -24.13 -8.78 -8.79
N LYS D 78 -23.44 -8.60 -9.91
CA LYS D 78 -24.08 -8.45 -11.19
C LYS D 78 -24.19 -9.70 -12.04
N LEU D 79 -25.25 -9.75 -12.81
CA LEU D 79 -25.45 -10.77 -13.81
C LEU D 79 -24.70 -10.32 -15.08
N ILE D 80 -23.84 -11.17 -15.64
CA ILE D 80 -23.11 -10.87 -16.89
C ILE D 80 -23.97 -11.33 -18.07
N GLY D 81 -24.49 -12.54 -17.97
CA GLY D 81 -25.32 -13.12 -19.03
C GLY D 81 -25.66 -14.57 -18.77
N VAL D 82 -26.29 -15.24 -19.75
CA VAL D 82 -26.73 -16.62 -19.61
C VAL D 82 -26.42 -17.45 -20.89
N ILE D 83 -26.34 -18.78 -20.71
CA ILE D 83 -26.14 -19.71 -21.79
C ILE D 83 -27.33 -20.62 -21.75
N THR D 84 -28.15 -20.52 -22.80
CA THR D 84 -29.42 -21.19 -22.90
C THR D 84 -29.34 -22.64 -23.36
N GLU D 85 -28.30 -23.01 -24.09
CA GLU D 85 -28.15 -24.38 -24.57
C GLU D 85 -27.77 -25.33 -23.40
N ASN D 86 -27.96 -26.65 -23.58
CA ASN D 86 -27.68 -27.69 -22.58
C ASN D 86 -26.17 -27.88 -22.43
N PRO D 87 -25.58 -27.76 -21.20
CA PRO D 87 -26.17 -27.38 -19.91
C PRO D 87 -26.30 -25.87 -19.68
N VAL D 88 -27.46 -25.44 -19.18
CA VAL D 88 -27.74 -24.04 -18.90
C VAL D 88 -26.79 -23.49 -17.83
N TRP D 89 -26.23 -22.30 -18.09
CA TRP D 89 -25.34 -21.63 -17.16
C TRP D 89 -25.76 -20.17 -16.97
N ILE D 90 -25.52 -19.64 -15.76
CA ILE D 90 -25.75 -18.25 -15.48
C ILE D 90 -24.36 -17.68 -15.16
N ILE D 91 -23.94 -16.65 -15.87
CA ILE D 91 -22.64 -16.02 -15.68
C ILE D 91 -22.81 -14.79 -14.82
N MET D 92 -22.13 -14.76 -13.69
CA MET D 92 -22.17 -13.66 -12.74
C MET D 92 -20.77 -13.06 -12.61
N GLU D 93 -20.67 -11.81 -12.12
CA GLU D 93 -19.37 -11.20 -11.82
C GLU D 93 -18.72 -12.03 -10.68
N LEU D 94 -17.39 -12.22 -10.72
CA LEU D 94 -16.76 -12.93 -9.63
C LEU D 94 -16.39 -11.96 -8.50
N CYS D 95 -16.66 -12.36 -7.25
CA CYS D 95 -16.15 -11.63 -6.08
C CYS D 95 -15.01 -12.55 -5.67
N THR D 96 -13.80 -12.21 -6.12
CA THR D 96 -12.62 -13.08 -6.04
C THR D 96 -12.33 -13.69 -4.68
N LEU D 97 -12.44 -12.90 -3.62
CA LEU D 97 -12.04 -13.36 -2.29
C LEU D 97 -13.09 -14.17 -1.52
N GLY D 98 -14.23 -14.43 -2.11
CA GLY D 98 -15.22 -15.32 -1.51
C GLY D 98 -16.16 -14.77 -0.45
N GLU D 99 -16.70 -15.66 0.35
CA GLU D 99 -17.68 -15.40 1.40
C GLU D 99 -17.09 -14.52 2.51
N LEU D 100 -17.80 -13.44 2.88
CA LEU D 100 -17.33 -12.50 3.93
C LEU D 100 -17.08 -13.12 5.30
N ARG D 101 -18.01 -13.97 5.76
CA ARG D 101 -17.86 -14.62 7.05
C ARG D 101 -16.54 -15.40 7.16
N SER D 102 -16.20 -16.17 6.13
CA SER D 102 -14.97 -16.94 6.07
C SER D 102 -13.73 -16.04 5.94
N PHE D 103 -13.81 -14.97 5.11
CA PHE D 103 -12.75 -13.99 4.91
C PHE D 103 -12.41 -13.32 6.24
N LEU D 104 -13.44 -12.95 7.02
CA LEU D 104 -13.22 -12.35 8.35
C LEU D 104 -12.55 -13.34 9.33
N GLN D 105 -12.93 -14.63 9.34
CA GLN D 105 -12.33 -15.63 10.25
C GLN D 105 -10.88 -15.95 9.89
N VAL D 106 -10.58 -16.07 8.60
CA VAL D 106 -9.23 -16.37 8.12
C VAL D 106 -8.32 -15.16 8.28
N ARG D 107 -8.75 -13.98 7.78
CA ARG D 107 -7.91 -12.78 7.88
C ARG D 107 -7.85 -12.27 9.32
N LYS D 108 -8.92 -12.47 10.09
CA LYS D 108 -9.07 -12.11 11.49
C LYS D 108 -8.49 -10.69 11.79
N TYR D 109 -7.57 -10.52 12.76
CA TYR D 109 -7.12 -9.20 13.21
C TYR D 109 -6.16 -8.47 12.24
N SER D 110 -5.91 -9.03 11.04
CA SER D 110 -5.11 -8.34 10.03
C SER D 110 -5.94 -7.24 9.30
N LEU D 111 -7.29 -7.33 9.39
CA LEU D 111 -8.20 -6.34 8.85
C LEU D 111 -8.35 -5.32 9.95
N ASP D 112 -7.83 -4.11 9.72
CA ASP D 112 -7.97 -3.04 10.69
C ASP D 112 -9.44 -2.57 10.80
N LEU D 113 -9.75 -1.79 11.85
CA LEU D 113 -11.07 -1.29 12.15
C LEU D 113 -11.69 -0.49 11.01
N ALA D 114 -10.91 0.38 10.36
CA ALA D 114 -11.40 1.16 9.22
C ALA D 114 -11.98 0.25 8.12
N SER D 115 -11.35 -0.92 7.85
CA SER D 115 -11.84 -1.85 6.85
C SER D 115 -13.17 -2.46 7.30
N LEU D 116 -13.30 -2.82 8.58
CA LEU D 116 -14.54 -3.42 9.09
C LEU D 116 -15.71 -2.41 8.98
N ILE D 117 -15.46 -1.15 9.33
CA ILE D 117 -16.49 -0.11 9.24
C ILE D 117 -16.86 0.12 7.78
N LEU D 118 -15.85 0.13 6.89
CA LEU D 118 -16.07 0.27 5.45
C LEU D 118 -17.00 -0.83 4.92
N TYR D 119 -16.83 -2.08 5.34
CA TYR D 119 -17.71 -3.16 4.89
C TYR D 119 -19.15 -2.92 5.30
N ALA D 120 -19.39 -2.50 6.56
CA ALA D 120 -20.73 -2.20 7.06
C ALA D 120 -21.33 -1.03 6.26
N TYR D 121 -20.52 0.02 5.99
CA TYR D 121 -20.95 1.16 5.20
C TYR D 121 -21.39 0.71 3.79
N GLN D 122 -20.55 -0.06 3.09
CA GLN D 122 -20.84 -0.52 1.72
C GLN D 122 -22.11 -1.34 1.66
N LEU D 123 -22.31 -2.23 2.66
CA LEU D 123 -23.52 -3.04 2.75
C LEU D 123 -24.75 -2.18 3.01
N SER D 124 -24.62 -1.11 3.81
CA SER D 124 -25.75 -0.22 4.07
C SER D 124 -26.17 0.48 2.78
N THR D 125 -25.23 0.80 1.83
CA THR D 125 -25.58 1.44 0.57
C THR D 125 -26.35 0.48 -0.32
N ALA D 126 -25.97 -0.81 -0.33
CA ALA D 126 -26.69 -1.82 -1.10
C ALA D 126 -28.11 -2.03 -0.54
N LEU D 127 -28.25 -2.03 0.78
CA LEU D 127 -29.52 -2.20 1.47
C LEU D 127 -30.40 -0.93 1.39
N ALA D 128 -29.79 0.27 1.33
CA ALA D 128 -30.53 1.52 1.12
C ALA D 128 -31.08 1.49 -0.33
N TYR D 129 -30.30 0.98 -1.28
CA TYR D 129 -30.74 0.80 -2.65
C TYR D 129 -31.92 -0.20 -2.70
N LEU D 130 -31.83 -1.32 -1.99
CA LEU D 130 -32.94 -2.30 -1.98
C LEU D 130 -34.21 -1.69 -1.38
N GLU D 131 -34.05 -0.91 -0.27
CA GLU D 131 -35.12 -0.20 0.37
C GLU D 131 -35.73 0.84 -0.58
N SER D 132 -34.91 1.54 -1.38
CA SER D 132 -35.42 2.51 -2.35
C SER D 132 -36.32 1.86 -3.42
N LYS D 133 -36.13 0.55 -3.66
CA LYS D 133 -36.94 -0.26 -4.59
C LYS D 133 -38.07 -1.02 -3.86
N ARG D 134 -38.27 -0.79 -2.56
CA ARG D 134 -39.21 -1.46 -1.68
C ARG D 134 -39.02 -3.00 -1.70
N PHE D 135 -37.75 -3.43 -1.67
CA PHE D 135 -37.44 -4.86 -1.69
C PHE D 135 -37.02 -5.31 -0.29
N VAL D 136 -37.68 -6.34 0.26
CA VAL D 136 -37.34 -6.88 1.60
C VAL D 136 -36.46 -8.12 1.39
N HIS D 137 -35.19 -8.06 1.82
CA HIS D 137 -34.20 -9.13 1.64
C HIS D 137 -34.52 -10.41 2.41
N ARG D 138 -34.78 -10.28 3.74
CA ARG D 138 -35.15 -11.37 4.65
C ARG D 138 -34.01 -12.26 5.13
N ASP D 139 -32.79 -12.08 4.65
CA ASP D 139 -31.70 -12.96 5.04
C ASP D 139 -30.36 -12.23 5.06
N ILE D 140 -30.31 -11.08 5.72
CA ILE D 140 -29.08 -10.32 5.85
C ILE D 140 -28.22 -10.97 6.95
N ALA D 141 -27.05 -11.45 6.55
CA ALA D 141 -26.07 -12.14 7.40
C ALA D 141 -24.75 -12.14 6.65
N ALA D 142 -23.63 -12.17 7.38
CA ALA D 142 -22.33 -12.13 6.75
C ALA D 142 -22.07 -13.31 5.77
N ARG D 143 -22.73 -14.46 5.97
CA ARG D 143 -22.57 -15.61 5.05
C ARG D 143 -23.16 -15.30 3.64
N ASN D 144 -24.03 -14.28 3.53
CA ASN D 144 -24.62 -13.88 2.25
C ASN D 144 -23.95 -12.66 1.63
N VAL D 145 -22.79 -12.25 2.14
CA VAL D 145 -22.03 -11.14 1.61
C VAL D 145 -20.75 -11.73 1.01
N LEU D 146 -20.32 -11.19 -0.12
CA LEU D 146 -19.11 -11.66 -0.81
C LEU D 146 -18.06 -10.57 -0.84
N VAL D 147 -16.80 -10.94 -0.97
CA VAL D 147 -15.67 -10.02 -0.93
C VAL D 147 -15.03 -9.93 -2.30
N SER D 148 -15.11 -8.74 -2.93
CA SER D 148 -14.51 -8.48 -4.25
C SER D 148 -13.03 -8.19 -4.16
N SER D 149 -12.63 -7.49 -3.12
CA SER D 149 -11.25 -7.11 -2.83
C SER D 149 -11.17 -6.77 -1.34
N ASN D 150 -9.97 -6.48 -0.81
CA ASN D 150 -9.79 -6.07 0.57
C ASN D 150 -10.61 -4.82 0.92
N ASP D 151 -10.99 -3.98 -0.06
CA ASP D 151 -11.77 -2.78 0.25
C ASP D 151 -13.11 -2.75 -0.46
N CYS D 152 -13.71 -3.93 -0.72
CA CYS D 152 -14.98 -3.98 -1.39
C CYS D 152 -15.76 -5.26 -1.10
N VAL D 153 -16.96 -5.15 -0.56
CA VAL D 153 -17.87 -6.26 -0.32
C VAL D 153 -19.17 -6.00 -1.08
N LYS D 154 -19.89 -7.07 -1.43
CA LYS D 154 -21.14 -6.99 -2.17
C LYS D 154 -22.17 -7.98 -1.60
N LEU D 155 -23.46 -7.64 -1.68
CA LEU D 155 -24.53 -8.57 -1.37
C LEU D 155 -24.46 -9.69 -2.44
N GLY D 156 -24.51 -10.91 -1.96
CA GLY D 156 -24.44 -12.08 -2.83
C GLY D 156 -25.73 -12.32 -3.56
N ASP D 157 -25.74 -13.41 -4.29
CA ASP D 157 -26.85 -13.88 -5.11
C ASP D 157 -28.10 -14.15 -4.25
N PHE D 158 -29.29 -13.78 -4.74
CA PHE D 158 -30.52 -13.96 -3.95
C PHE D 158 -31.11 -15.36 -4.19
N LEU D 177 -33.76 -21.97 9.26
CA LEU D 177 -34.06 -20.58 9.61
C LEU D 177 -32.91 -19.89 10.35
N PRO D 178 -32.56 -18.68 9.93
CA PRO D 178 -31.50 -17.94 10.64
C PRO D 178 -32.05 -17.21 11.86
N ILE D 179 -32.55 -17.98 12.85
CA ILE D 179 -33.15 -17.47 14.08
C ILE D 179 -32.30 -16.43 14.79
N LYS D 180 -31.00 -16.71 14.91
CA LYS D 180 -30.07 -15.82 15.61
C LYS D 180 -29.87 -14.44 14.96
N TRP D 181 -30.33 -14.27 13.72
CA TRP D 181 -30.27 -13.00 12.98
C TRP D 181 -31.62 -12.30 12.87
N MET D 182 -32.71 -13.03 13.13
CA MET D 182 -34.07 -12.58 12.91
C MET D 182 -34.64 -11.62 13.96
N ALA D 183 -35.40 -10.63 13.47
CA ALA D 183 -36.12 -9.69 14.33
C ALA D 183 -37.19 -10.49 15.14
N PRO D 184 -37.57 -10.01 16.33
CA PRO D 184 -38.59 -10.72 17.11
C PRO D 184 -39.90 -10.98 16.38
N GLU D 185 -40.40 -9.99 15.61
CA GLU D 185 -41.66 -10.14 14.85
C GLU D 185 -41.51 -11.18 13.73
N SER D 186 -40.29 -11.42 13.22
CA SER D 186 -40.05 -12.44 12.20
C SER D 186 -40.10 -13.84 12.86
N ILE D 187 -39.60 -13.98 14.07
CA ILE D 187 -39.60 -15.27 14.77
C ILE D 187 -41.00 -15.63 15.27
N ASN D 188 -41.67 -14.66 15.88
CA ASN D 188 -43.00 -14.86 16.45
C ASN D 188 -44.13 -14.91 15.42
N PHE D 189 -44.06 -14.08 14.36
CA PHE D 189 -45.19 -13.99 13.42
C PHE D 189 -44.82 -14.12 11.95
N ARG D 190 -43.55 -14.42 11.63
CA ARG D 190 -43.05 -14.48 10.26
C ARG D 190 -43.25 -13.18 9.50
N ARG D 191 -43.20 -12.03 10.21
CA ARG D 191 -43.33 -10.74 9.57
C ARG D 191 -41.98 -10.30 9.06
N PHE D 192 -41.91 -10.01 7.77
CA PHE D 192 -40.69 -9.55 7.15
C PHE D 192 -40.98 -8.21 6.48
N THR D 193 -40.40 -7.14 7.02
CA THR D 193 -40.56 -5.77 6.57
C THR D 193 -39.17 -5.12 6.36
N SER D 194 -39.13 -3.85 5.90
CA SER D 194 -37.88 -3.09 5.80
C SER D 194 -37.23 -2.91 7.21
N ALA D 195 -38.07 -2.86 8.27
CA ALA D 195 -37.59 -2.71 9.64
C ALA D 195 -36.98 -4.01 10.17
N SER D 196 -37.51 -5.19 9.77
CA SER D 196 -36.91 -6.46 10.20
C SER D 196 -35.55 -6.65 9.48
N ASP D 197 -35.38 -6.13 8.25
CA ASP D 197 -34.11 -6.16 7.53
C ASP D 197 -33.06 -5.32 8.29
N VAL D 198 -33.48 -4.19 8.90
CA VAL D 198 -32.61 -3.33 9.71
C VAL D 198 -32.10 -4.07 10.94
N TRP D 199 -32.97 -4.89 11.58
CA TRP D 199 -32.56 -5.70 12.73
C TRP D 199 -31.45 -6.66 12.29
N MET D 200 -31.65 -7.39 11.16
CA MET D 200 -30.70 -8.34 10.64
C MET D 200 -29.39 -7.66 10.29
N PHE D 201 -29.46 -6.45 9.65
CA PHE D 201 -28.28 -5.67 9.31
C PHE D 201 -27.47 -5.33 10.59
N GLY D 202 -28.16 -5.05 11.71
CA GLY D 202 -27.51 -4.82 13.00
C GLY D 202 -26.70 -6.04 13.42
N VAL D 203 -27.28 -7.26 13.27
CA VAL D 203 -26.58 -8.51 13.59
C VAL D 203 -25.39 -8.71 12.62
N CYS D 204 -25.58 -8.44 11.33
CA CYS D 204 -24.53 -8.54 10.32
C CYS D 204 -23.35 -7.59 10.68
N MET D 205 -23.65 -6.35 11.11
CA MET D 205 -22.62 -5.39 11.56
C MET D 205 -21.86 -5.96 12.76
N TRP D 206 -22.57 -6.60 13.71
CA TRP D 206 -21.96 -7.21 14.89
C TRP D 206 -21.02 -8.35 14.43
N GLU D 207 -21.47 -9.21 13.50
CA GLU D 207 -20.65 -10.29 12.94
C GLU D 207 -19.36 -9.73 12.34
N ILE D 208 -19.45 -8.65 11.56
CA ILE D 208 -18.29 -8.03 10.94
C ILE D 208 -17.31 -7.53 11.99
N LEU D 209 -17.81 -6.80 12.99
CA LEU D 209 -16.97 -6.27 14.07
C LEU D 209 -16.37 -7.38 14.97
N MET D 210 -16.98 -8.57 14.98
CA MET D 210 -16.52 -9.77 15.67
C MET D 210 -15.63 -10.67 14.78
N HIS D 211 -15.22 -10.21 13.58
CA HIS D 211 -14.42 -11.00 12.66
C HIS D 211 -15.07 -12.33 12.27
N GLY D 212 -16.36 -12.26 12.00
CA GLY D 212 -17.13 -13.39 11.50
C GLY D 212 -17.58 -14.41 12.49
N VAL D 213 -17.54 -14.12 13.80
CA VAL D 213 -18.02 -15.05 14.81
C VAL D 213 -19.55 -15.04 14.75
N LYS D 214 -20.18 -16.22 14.96
CA LYS D 214 -21.63 -16.33 14.94
C LYS D 214 -22.27 -15.73 16.16
N PRO D 215 -23.42 -15.05 15.98
CA PRO D 215 -24.13 -14.50 17.14
C PRO D 215 -24.71 -15.62 18.04
N PHE D 216 -24.85 -15.35 19.34
CA PHE D 216 -25.44 -16.25 20.31
C PHE D 216 -24.83 -17.65 20.34
N GLN D 217 -23.49 -17.75 20.32
CA GLN D 217 -22.84 -19.06 20.39
C GLN D 217 -23.17 -19.77 21.71
N GLY D 218 -23.44 -21.07 21.62
CA GLY D 218 -23.76 -21.86 22.79
C GLY D 218 -25.21 -21.77 23.25
N VAL D 219 -26.03 -20.98 22.54
CA VAL D 219 -27.43 -20.81 22.89
C VAL D 219 -28.30 -21.56 21.88
N LYS D 220 -29.27 -22.34 22.35
CA LYS D 220 -30.19 -23.06 21.44
C LYS D 220 -31.10 -22.06 20.74
N ASN D 221 -31.51 -22.36 19.50
CA ASN D 221 -32.37 -21.47 18.72
C ASN D 221 -33.65 -21.12 19.44
N ASN D 222 -34.34 -22.13 20.00
CA ASN D 222 -35.61 -21.91 20.70
C ASN D 222 -35.52 -20.97 21.90
N ASP D 223 -34.33 -20.86 22.49
CA ASP D 223 -34.06 -20.00 23.64
C ASP D 223 -33.72 -18.54 23.26
N VAL D 224 -33.48 -18.25 21.97
CA VAL D 224 -33.10 -16.92 21.51
C VAL D 224 -34.21 -15.89 21.73
N ILE D 225 -35.46 -16.20 21.33
CA ILE D 225 -36.56 -15.24 21.49
C ILE D 225 -36.81 -14.88 22.97
N GLY D 226 -36.60 -15.84 23.88
CA GLY D 226 -36.76 -15.61 25.31
C GLY D 226 -35.79 -14.57 25.85
N ARG D 227 -34.52 -14.63 25.41
CA ARG D 227 -33.50 -13.68 25.83
C ARG D 227 -33.75 -12.30 25.21
N ILE D 228 -34.15 -12.27 23.93
CA ILE D 228 -34.47 -11.02 23.24
C ILE D 228 -35.64 -10.32 23.92
N GLU D 229 -36.69 -11.07 24.25
CA GLU D 229 -37.87 -10.50 24.92
C GLU D 229 -37.61 -10.06 26.36
N ASN D 230 -36.55 -10.56 26.98
CA ASN D 230 -36.10 -10.14 28.29
C ASN D 230 -35.10 -8.94 28.18
N GLY D 231 -34.93 -8.35 26.98
CA GLY D 231 -34.08 -7.20 26.74
C GLY D 231 -32.62 -7.49 26.48
N GLU D 232 -32.23 -8.77 26.47
CA GLU D 232 -30.85 -9.15 26.21
C GLU D 232 -30.49 -8.88 24.73
N ARG D 233 -29.27 -8.42 24.50
CA ARG D 233 -28.73 -8.10 23.18
C ARG D 233 -27.29 -8.61 23.08
N LEU D 234 -26.78 -8.74 21.85
CA LEU D 234 -25.40 -9.13 21.57
C LEU D 234 -24.48 -8.07 22.18
N PRO D 235 -23.39 -8.49 22.84
CA PRO D 235 -22.53 -7.52 23.53
C PRO D 235 -21.64 -6.71 22.59
N MET D 236 -21.06 -5.62 23.13
CA MET D 236 -20.18 -4.77 22.36
C MET D 236 -18.94 -5.53 21.94
N PRO D 237 -18.71 -5.68 20.62
CA PRO D 237 -17.51 -6.36 20.18
C PRO D 237 -16.24 -5.65 20.63
N PRO D 238 -15.20 -6.39 20.99
CA PRO D 238 -13.91 -5.75 21.34
C PRO D 238 -13.43 -4.78 20.26
N ASN D 239 -13.04 -3.57 20.68
CA ASN D 239 -12.57 -2.51 19.79
C ASN D 239 -13.65 -1.89 18.90
N CYS D 240 -14.92 -2.21 19.12
CA CYS D 240 -15.99 -1.58 18.36
C CYS D 240 -16.15 -0.18 18.93
N PRO D 241 -16.12 0.89 18.10
CA PRO D 241 -16.34 2.24 18.63
C PRO D 241 -17.72 2.33 19.29
N PRO D 242 -17.85 2.96 20.48
CA PRO D 242 -19.16 3.07 21.12
C PRO D 242 -20.26 3.65 20.25
N THR D 243 -19.92 4.60 19.38
CA THR D 243 -20.92 5.18 18.47
C THR D 243 -21.49 4.12 17.52
N LEU D 244 -20.65 3.19 17.08
CA LEU D 244 -21.06 2.11 16.20
C LEU D 244 -21.93 1.08 16.96
N TYR D 245 -21.57 0.77 18.23
CA TYR D 245 -22.38 -0.13 19.02
C TYR D 245 -23.74 0.48 19.33
N SER D 246 -23.81 1.80 19.57
CA SER D 246 -25.08 2.52 19.79
C SER D 246 -25.97 2.38 18.56
N LEU D 247 -25.36 2.48 17.37
CA LEU D 247 -26.08 2.32 16.11
C LEU D 247 -26.65 0.88 16.01
N MET D 248 -25.86 -0.15 16.33
CA MET D 248 -26.33 -1.54 16.38
C MET D 248 -27.53 -1.69 17.35
N THR D 249 -27.45 -1.10 18.58
CA THR D 249 -28.53 -1.24 19.55
C THR D 249 -29.83 -0.55 19.07
N LYS D 250 -29.74 0.51 18.26
CA LYS D 250 -30.92 1.15 17.66
C LYS D 250 -31.57 0.22 16.60
N CYS D 251 -30.76 -0.54 15.86
CA CYS D 251 -31.26 -1.54 14.88
C CYS D 251 -32.04 -2.64 15.63
N TRP D 252 -31.69 -2.88 16.93
CA TRP D 252 -32.29 -3.91 17.75
C TRP D 252 -33.36 -3.39 18.69
N ALA D 253 -34.05 -2.30 18.31
CA ALA D 253 -35.19 -1.81 19.11
C ALA D 253 -36.29 -2.87 18.97
N TYR D 254 -36.90 -3.30 20.08
CA TYR D 254 -37.97 -4.31 20.02
C TYR D 254 -39.13 -3.85 19.12
N ASP D 255 -39.53 -2.57 19.26
CA ASP D 255 -40.59 -2.01 18.42
C ASP D 255 -40.00 -1.67 17.06
N PRO D 256 -40.50 -2.31 15.97
CA PRO D 256 -39.92 -2.04 14.65
C PRO D 256 -39.97 -0.58 14.22
N SER D 257 -40.99 0.17 14.67
CA SER D 257 -41.13 1.59 14.33
C SER D 257 -40.01 2.47 14.90
N ARG D 258 -39.30 1.98 15.93
CA ARG D 258 -38.21 2.75 16.52
C ARG D 258 -36.85 2.50 15.84
N ARG D 259 -36.78 1.59 14.85
CA ARG D 259 -35.53 1.28 14.17
C ARG D 259 -35.20 2.34 13.12
N PRO D 260 -33.91 2.70 12.95
CA PRO D 260 -33.58 3.63 11.86
C PRO D 260 -33.83 3.00 10.48
N ARG D 261 -33.84 3.83 9.43
CA ARG D 261 -33.93 3.33 8.07
C ARG D 261 -32.49 3.35 7.47
N PHE D 262 -32.31 2.81 6.27
CA PHE D 262 -31.00 2.65 5.69
C PHE D 262 -30.34 3.97 5.28
N THR D 263 -31.11 5.02 4.94
CA THR D 263 -30.52 6.32 4.60
C THR D 263 -29.79 6.94 5.82
N GLU D 264 -30.36 6.79 7.03
CA GLU D 264 -29.73 7.27 8.27
C GLU D 264 -28.52 6.34 8.66
N LEU D 265 -28.65 5.02 8.49
CA LEU D 265 -27.56 4.09 8.78
C LEU D 265 -26.34 4.39 7.91
N LYS D 266 -26.57 4.65 6.63
CA LYS D 266 -25.56 5.00 5.65
C LYS D 266 -24.84 6.29 6.03
N ALA D 267 -25.59 7.35 6.42
CA ALA D 267 -24.97 8.60 6.83
C ALA D 267 -24.18 8.46 8.12
N GLN D 268 -24.71 7.73 9.10
CA GLN D 268 -24.02 7.56 10.35
C GLN D 268 -22.77 6.67 10.22
N LEU D 269 -22.86 5.65 9.36
CA LEU D 269 -21.70 4.79 9.10
C LEU D 269 -20.58 5.57 8.44
N SER D 270 -20.94 6.51 7.55
CA SER D 270 -19.98 7.38 6.85
C SER D 270 -19.25 8.28 7.84
N THR D 271 -19.97 8.83 8.82
CA THR D 271 -19.39 9.69 9.87
C THR D 271 -18.45 8.86 10.74
N ILE D 272 -18.89 7.67 11.17
CA ILE D 272 -18.07 6.80 12.00
C ILE D 272 -16.79 6.39 11.26
N LEU D 273 -16.90 6.08 9.96
CA LEU D 273 -15.78 5.69 9.12
C LEU D 273 -14.77 6.83 9.01
N GLU D 274 -15.25 8.06 8.73
CA GLU D 274 -14.35 9.19 8.62
C GLU D 274 -13.69 9.56 9.94
N GLU D 275 -14.39 9.40 11.08
CA GLU D 275 -13.79 9.64 12.39
C GLU D 275 -12.66 8.62 12.66
N GLU D 276 -12.84 7.36 12.23
CA GLU D 276 -11.83 6.34 12.43
C GLU D 276 -10.63 6.60 11.50
N LYS D 277 -10.89 6.95 10.22
CA LYS D 277 -9.83 7.22 9.24
C LYS D 277 -8.97 8.43 9.64
N ALA D 278 -9.58 9.43 10.28
CA ALA D 278 -8.83 10.59 10.77
C ALA D 278 -8.07 10.30 12.09
N GLN D 279 -8.05 9.01 12.53
CA GLN D 279 -7.43 8.44 13.74
C GLN D 279 -7.86 9.16 15.01
C1 PVT E . 3.63 -18.04 -21.13
C2 PVT E . 3.94 -17.46 -22.34
C3 PVT E . 4.26 -18.25 -23.43
C7 PVT E . 3.24 -17.22 -19.93
C9 PVT E . -0.55 -16.24 -21.21
C11 PVT E . -0.11 -14.03 -21.34
C12 PVT E . 1.21 -14.23 -20.95
C13 PVT E . 1.57 -15.58 -20.69
C15 PVT E . 2.16 -13.08 -20.85
C19 PVT E . 0.15 -20.57 -21.06
C20 PVT E . -0.02 -19.22 -21.31
C21 PVT E . -1.27 -18.63 -21.13
C22 PVT E . -2.36 -19.39 -20.72
C24 PVT E . -2.19 -20.74 -20.47
O28 PVT E . -2.56 -24.13 -19.47
N29 PVT E . -1.45 -17.25 -21.34
C4 PVT E . 4.27 -19.62 -23.26
N5 PVT E . 3.98 -20.21 -22.09
C6 PVT E . 3.66 -19.42 -21.06
N8 PVT E . 2.81 -15.87 -20.27
N10 PVT E . -0.99 -15.02 -21.46
N14 PVT E . 0.69 -16.58 -20.82
F16 PVT E . 1.61 -11.94 -21.24
F17 PVT E . 2.59 -12.88 -19.62
F18 PVT E . 3.24 -13.24 -21.57
C23 PVT E . -0.93 -21.32 -20.63
C25 PVT E . -3.14 -21.81 -20.02
C26 PVT E . -2.25 -23.02 -19.87
N27 PVT E . -0.99 -22.65 -20.25
C1 PVT F . 11.29 35.15 -4.47
C1 PVT F . 11.30 35.12 -4.44
C2 PVT F . 10.20 35.77 -5.05
C2 PVT F . 10.24 35.76 -5.02
C3 PVT F . 9.75 35.38 -6.29
C3 PVT F . 9.78 35.39 -6.27
C7 PVT F . 11.81 35.56 -3.11
C7 PVT F . 11.83 35.50 -3.08
C9 PVT F . 15.49 37.10 -4.09
C9 PVT F . 15.50 37.06 -4.07
C11 PVT F . 16.63 35.48 -2.98
C11 PVT F . 16.65 35.49 -2.94
C12 PVT F . 15.45 34.85 -2.61
C12 PVT F . 15.48 34.83 -2.58
C13 PVT F . 14.26 35.47 -3.05
C13 PVT F . 14.29 35.43 -3.05
C15 PVT F . 15.48 33.58 -1.79
C15 PVT F . 15.53 33.57 -1.77
C19 PVT F . 13.81 41.22 -6.10
C19 PVT F . 12.17 38.88 -6.23
C20 PVT F . 14.78 40.39 -5.58
C20 PVT F . 13.24 38.22 -5.67
C21 PVT F . 14.54 39.03 -5.39
C21 PVT F . 14.43 38.89 -5.40
C22 PVT F . 13.30 38.49 -5.73
C22 PVT F . 14.56 40.24 -5.69
C24 PVT F . 12.32 39.31 -6.25
C24 PVT F . 13.49 40.92 -6.28
O28 PVT F . 9.31 40.68 -7.58
O28 PVT F . 11.34 43.29 -7.83
N29 PVT F . 15.55 38.22 -4.84
N29 PVT F . 15.52 38.19 -4.84
C4 PVT F . 10.41 34.35 -6.92
C4 PVT F . 10.44 34.35 -6.91
N5 PVT F . 11.46 33.72 -6.39
N5 PVT F . 11.48 33.70 -6.38
C6 PVT F . 11.88 34.13 -5.18
C6 PVT F . 11.89 34.09 -5.17
N8 PVT F . 13.06 34.93 -2.76
N8 PVT F . 13.10 34.88 -2.74
N10 PVT F . 16.68 36.59 -3.71
N10 PVT F . 16.68 36.60 -3.67
N14 PVT F . 14.28 36.59 -3.79
N14 PVT F . 14.29 36.54 -3.79
F16 PVT F . 16.71 33.18 -1.54
F16 PVT F . 16.77 33.18 -1.50
F17 PVT F . 14.89 33.71 -0.63
F17 PVT F . 14.92 33.68 -0.60
F18 PVT F . 14.90 32.57 -2.40
F18 PVT F . 14.96 32.55 -2.38
C23 PVT F . 12.58 40.67 -6.43
C23 PVT F . 12.30 40.23 -6.54
C25 PVT F . 10.90 39.05 -6.68
C25 PVT F . 13.32 42.33 -6.74
C26 PVT F . 10.42 40.40 -7.14
C26 PVT F . 11.92 42.34 -7.30
N27 PVT F . 11.45 41.28 -6.97
N27 PVT F . 11.40 41.10 -7.14
S SO4 G . 23.79 7.78 -10.55
O1 SO4 G . 23.86 7.00 -11.78
O2 SO4 G . 22.97 8.97 -10.81
O3 SO4 G . 23.16 6.95 -9.53
O4 SO4 G . 25.14 8.18 -10.16
C1 PVT H . -4.09 -4.64 33.86
C1 PVT H . -4.05 -4.65 33.85
C2 PVT H . -2.95 -4.35 34.58
C2 PVT H . -2.91 -4.35 34.58
C3 PVT H . -3.04 -3.73 35.82
C3 PVT H . -3.02 -3.74 35.82
C7 PVT H . -4.02 -5.33 32.52
C7 PVT H . -3.97 -5.33 32.51
C9 PVT H . -4.16 -9.18 33.95
C9 PVT H . -4.11 -9.18 33.94
C11 PVT H . -1.99 -9.60 33.43
C11 PVT H . -1.96 -9.63 33.40
C12 PVT H . -1.84 -8.35 32.87
C12 PVT H . -1.79 -8.37 32.85
C13 PVT H . -2.98 -7.52 32.90
C13 PVT H . -2.93 -7.52 32.90
C15 PVT H . -0.52 -7.94 32.27
C15 PVT H . -0.48 -7.96 32.26
C19 PVT H . -8.99 -9.41 34.60
C19 PVT H . -7.78 -6.93 34.92
C20 PVT H . -7.70 -9.93 34.53
C20 PVT H . -6.56 -7.58 34.84
C21 PVT H . -6.59 -9.09 34.60
C21 PVT H . -6.51 -8.96 34.62
C22 PVT H . -6.77 -7.72 34.76
C22 PVT H . -7.68 -9.69 34.50
C24 PVT H . -8.05 -7.19 34.84
C24 PVT H . -8.90 -9.05 34.59
O28 PVT H . -10.90 -5.08 35.01
O28 PVT H . -12.36 -8.18 34.58
N29 PVT H . -5.31 -9.66 34.47
N29 PVT H . -5.27 -9.62 34.49
C4 PVT H . -4.29 -3.41 36.29
C4 PVT H . -4.28 -3.41 36.27
N5 PVT H . -5.41 -3.68 35.62
N5 PVT H . -5.40 -3.69 35.60
C6 PVT H . -5.29 -4.29 34.43
C6 PVT H . -5.26 -4.29 34.41
N8 PVT H . -2.93 -6.28 32.42
N8 PVT H . -2.87 -6.27 32.41
N10 PVT H . -3.13 -10.05 33.98
N10 PVT H . -3.09 -10.05 33.95
N14 PVT H . -4.14 -7.94 33.44
N14 PVT H . -4.08 -7.93 33.44
F16 PVT H . -0.63 -7.58 31.01
F16 PVT H . -0.58 -7.59 30.99
F17 PVT H . 0.03 -6.91 32.90
F17 PVT H . 0.07 -6.93 32.88
F18 PVT H . 0.38 -8.91 32.31
F18 PVT H . 0.41 -8.93 32.29
C23 PVT H . -9.15 -8.04 34.75
C23 PVT H . -8.94 -7.67 34.79
C25 PVT H . -8.56 -5.79 35.02
C25 PVT H . -10.32 -9.55 34.51
C26 PVT H . -10.07 -5.97 34.95
C26 PVT H . -11.14 -8.28 34.62
N27 PVT H . -10.32 -7.29 34.80
N27 PVT H . -10.27 -7.25 34.79
C1 PVT I . -21.10 -18.56 -3.70
C1 PVT I . -21.09 -18.56 -3.67
C2 PVT I . -20.15 -19.16 -2.89
C2 PVT I . -20.17 -19.12 -2.82
C3 PVT I . -20.20 -18.96 -1.52
C3 PVT I . -20.25 -18.92 -1.46
C7 PVT I . -21.08 -18.74 -5.20
C7 PVT I . -21.03 -18.75 -5.17
C9 PVT I . -18.47 -15.61 -5.85
C9 PVT I . -18.39 -15.66 -5.81
C11 PVT I . -19.95 -14.44 -7.09
C11 PVT I . -19.88 -14.45 -7.02
C12 PVT I . -20.93 -15.40 -6.92
C12 PVT I . -20.86 -15.41 -6.87
C13 PVT I . -20.54 -16.53 -6.14
C13 PVT I . -20.47 -16.55 -6.12
C15 PVT I . -22.29 -15.23 -7.53
C15 PVT I . -22.21 -15.24 -7.49
C19 PVT I . -16.90 -18.47 -2.90
C19 PVT I . -14.44 -17.86 -3.95
C20 PVT I . -17.46 -17.47 -3.67
C20 PVT I . -15.11 -16.88 -4.67
C21 PVT I . -16.66 -16.70 -4.52
C21 PVT I . -16.48 -16.73 -4.54
C22 PVT I . -15.29 -16.93 -4.59
C22 PVT I . -17.20 -17.55 -3.68
C24 PVT I . -14.72 -17.94 -3.83
C24 PVT I . -16.54 -18.53 -2.95
O28 PVT I . -12.54 -20.26 -2.25
O28 PVT I . -15.64 -21.20 -0.78
N29 PVT I . -17.22 -15.68 -5.31
N29 PVT I . -17.13 -15.73 -5.30
C4 PVT I . -21.20 -18.18 -1.00
C4 PVT I . -21.29 -18.13 -0.98
N5 PVT I . -22.14 -17.60 -1.76
N5 PVT I . -22.20 -17.57 -1.78
C6 PVT I . -22.07 -17.79 -3.08
C6 PVT I . -22.09 -17.80 -3.10
N8 PVT I . -21.41 -17.52 -5.92
N8 PVT I . -21.35 -17.55 -5.92
N10 PVT I . -18.73 -14.51 -6.57
N10 PVT I . -18.65 -14.54 -6.50
N14 PVT I . -19.31 -16.62 -5.61
N14 PVT I . -19.24 -16.67 -5.59
F16 PVT I . -22.58 -16.19 -8.39
F16 PVT I . -22.51 -16.18 -8.36
F17 PVT I . -23.25 -15.25 -6.62
F17 PVT I . -23.18 -15.25 -6.59
F18 PVT I . -22.42 -14.09 -8.18
F18 PVT I . -22.34 -14.08 -8.12
C23 PVT I . -15.53 -18.71 -2.99
C23 PVT I . -15.16 -18.67 -3.09
C25 PVT I . -13.32 -18.43 -3.68
C25 PVT I . -17.02 -19.56 -1.97
C26 PVT I . -13.44 -19.55 -2.67
C26 PVT I . -15.75 -20.28 -1.58
N27 PVT I . -14.75 -19.65 -2.32
N27 PVT I . -14.72 -19.71 -2.27
#